data_6SGY
#
_entry.id   6SGY
#
_entity_poly.entity_id   1
_entity_poly.type   'polypeptide(L)'
_entity_poly.pdbx_seq_one_letter_code
;NAILADRSTSALYVRVGEQLHPVLNLTSARLISGSPDNPTMVKTSEIDKFPRGNLLGIPGAPERMVQNAATDAEWTVCDA
VGGANPGVTVIAGPLGADGERAAPLPPDHAVLVHSDAEPNPGDWLLWDGKRSPIDLADRAVTDALGLGGQALAPRPIAAG
LFNAVPAAPALTAPVIPDAGAAPQFELSLPVPVGAVVVAYDADNTARYYAVLSDGLQPISPVLAAILRNTDSHGFAQPPR
LGPDEVARTPMSRGLDTSAYPDNPVTLVEASAHPVTCAHWTKPSDAAESSLSVLSGAVLPLAEGLHTVDLVGAGAGGAAN
RVALTPGTGYFVQTVGAEPGSPTAGSMFWVSDTGVRYGIDTAEDDKVVAALGLSTSPLPVPWSVLSQFAAGPALSRGDAL
VAHDAVSTNPNSARMEASR
;
_entity_poly.pdbx_strand_id   A,B
#
# COMPACT_ATOMS: atom_id res chain seq x y z
N ASN A 1 -25.88 -15.54 28.40
CA ASN A 1 -26.46 -14.20 28.49
C ASN A 1 -25.41 -13.09 28.43
N ALA A 2 -24.27 -13.41 27.83
CA ALA A 2 -23.19 -12.46 27.63
C ALA A 2 -22.49 -12.80 26.32
N ILE A 3 -21.27 -12.30 26.20
CA ILE A 3 -20.34 -12.80 25.19
C ILE A 3 -19.79 -14.12 25.70
N LEU A 4 -19.72 -15.12 24.85
CA LEU A 4 -19.34 -16.46 25.25
C LEU A 4 -18.19 -16.94 24.37
N ALA A 5 -17.09 -17.31 25.03
CA ALA A 5 -15.98 -17.99 24.39
C ALA A 5 -15.83 -19.37 25.00
N ASP A 6 -15.50 -20.35 24.16
CA ASP A 6 -15.35 -21.72 24.61
C ASP A 6 -14.16 -21.85 25.54
N ARG A 7 -14.28 -22.73 26.54
CA ARG A 7 -13.20 -23.00 27.48
C ARG A 7 -11.99 -23.66 26.80
N SER A 8 -12.16 -24.19 25.58
CA SER A 8 -11.01 -24.73 24.87
C SER A 8 -10.68 -23.91 23.63
N THR A 9 -11.67 -23.67 22.78
CA THR A 9 -11.39 -23.10 21.46
C THR A 9 -11.69 -21.61 21.37
N SER A 10 -12.30 -21.02 22.41
CA SER A 10 -12.65 -19.59 22.49
C SER A 10 -13.48 -19.10 21.32
N ALA A 11 -14.37 -19.95 20.82
CA ALA A 11 -15.26 -19.55 19.74
C ALA A 11 -16.36 -18.63 20.27
N LEU A 12 -16.69 -17.62 19.49
CA LEU A 12 -17.39 -16.44 19.97
C LEU A 12 -18.86 -16.49 19.61
N TYR A 13 -19.73 -16.36 20.63
CA TYR A 13 -21.17 -16.37 20.43
C TYR A 13 -21.85 -15.43 21.42
N VAL A 14 -22.90 -14.77 20.96
CA VAL A 14 -23.88 -14.14 21.84
C VAL A 14 -25.26 -14.56 21.37
N ARG A 15 -26.05 -15.14 22.26
CA ARG A 15 -27.41 -15.52 21.89
C ARG A 15 -28.24 -14.27 21.72
N VAL A 16 -28.96 -14.19 20.62
CA VAL A 16 -30.01 -13.20 20.42
C VAL A 16 -31.23 -13.96 19.92
N GLY A 17 -32.40 -13.33 20.04
CA GLY A 17 -33.61 -14.00 19.63
C GLY A 17 -33.92 -15.16 20.53
N GLU A 18 -33.63 -16.37 20.04
CA GLU A 18 -33.61 -17.58 20.85
C GLU A 18 -32.35 -18.40 20.56
N GLN A 19 -31.54 -17.95 19.61
CA GLN A 19 -30.54 -18.81 19.00
C GLN A 19 -29.14 -18.21 19.13
N LEU A 20 -28.14 -19.04 18.87
CA LEU A 20 -26.76 -18.60 18.94
C LEU A 20 -26.27 -18.14 17.57
N HIS A 21 -25.19 -17.36 17.58
CA HIS A 21 -24.60 -16.90 16.33
C HIS A 21 -23.09 -16.81 16.46
N PRO A 22 -22.35 -17.57 15.64
CA PRO A 22 -20.90 -17.42 15.62
C PRO A 22 -20.49 -16.12 14.97
N VAL A 23 -19.56 -15.43 15.59
CA VAL A 23 -19.05 -14.17 15.10
C VAL A 23 -17.54 -14.24 15.03
N LEU A 24 -16.92 -13.12 14.65
CA LEU A 24 -15.51 -13.14 14.29
C LEU A 24 -14.61 -12.67 15.42
N ASN A 25 -14.79 -11.44 15.87
CA ASN A 25 -13.90 -10.89 16.89
C ASN A 25 -14.72 -10.23 17.97
N LEU A 26 -14.09 -10.10 19.13
CA LEU A 26 -14.80 -9.69 20.34
C LEU A 26 -15.22 -8.23 20.28
N THR A 27 -14.50 -7.42 19.50
CA THR A 27 -14.94 -6.05 19.26
C THR A 27 -16.27 -6.05 18.52
N SER A 28 -16.41 -6.90 17.52
CA SER A 28 -17.68 -7.04 16.82
C SER A 28 -18.73 -7.65 17.73
N ALA A 29 -18.33 -8.50 18.67
CA ALA A 29 -19.28 -9.05 19.62
C ALA A 29 -19.84 -7.98 20.53
N ARG A 30 -18.97 -7.12 21.07
CA ARG A 30 -19.41 -5.97 21.84
C ARG A 30 -20.27 -5.04 21.00
N LEU A 31 -19.92 -4.88 19.72
CA LEU A 31 -20.71 -4.10 18.78
C LEU A 31 -22.11 -4.69 18.62
N ILE A 32 -22.21 -6.01 18.62
CA ILE A 32 -23.51 -6.67 18.52
C ILE A 32 -24.32 -6.42 19.78
N SER A 33 -23.73 -6.70 20.95
CA SER A 33 -24.45 -6.54 22.20
C SER A 33 -24.76 -5.10 22.51
N GLY A 34 -23.94 -4.16 22.07
CA GLY A 34 -24.09 -2.78 22.49
C GLY A 34 -23.72 -2.55 23.94
N SER A 35 -22.73 -3.28 24.45
CA SER A 35 -22.26 -3.08 25.81
C SER A 35 -20.82 -3.57 25.90
N PRO A 36 -19.94 -2.86 26.60
CA PRO A 36 -18.57 -3.34 26.73
C PRO A 36 -18.46 -4.46 27.75
N ASP A 37 -18.35 -5.69 27.29
CA ASP A 37 -18.35 -6.84 28.17
C ASP A 37 -17.26 -7.81 27.77
N ASN A 38 -17.22 -8.91 28.46
CA ASN A 38 -16.12 -9.81 28.24
C ASN A 38 -16.63 -11.18 27.83
N PRO A 39 -15.87 -11.92 27.01
CA PRO A 39 -16.28 -13.28 26.65
C PRO A 39 -16.20 -14.22 27.84
N THR A 40 -17.35 -14.70 28.27
CA THR A 40 -17.39 -15.64 29.39
C THR A 40 -17.01 -17.03 28.92
N MET A 41 -16.35 -17.78 29.80
CA MET A 41 -15.76 -19.05 29.45
C MET A 41 -16.64 -20.20 29.93
N VAL A 42 -17.44 -20.75 29.02
CA VAL A 42 -18.34 -21.88 29.31
C VAL A 42 -18.07 -22.91 28.22
N LYS A 43 -18.26 -24.20 28.55
CA LYS A 43 -18.00 -25.28 27.61
C LYS A 43 -19.13 -25.37 26.58
N THR A 44 -18.81 -25.97 25.42
CA THR A 44 -19.77 -26.26 24.37
C THR A 44 -20.90 -27.17 24.81
N SER A 45 -20.70 -27.94 25.88
CA SER A 45 -21.73 -28.80 26.48
C SER A 45 -22.91 -28.01 27.04
N GLU A 46 -22.82 -26.69 27.14
CA GLU A 46 -23.99 -25.85 27.23
C GLU A 46 -24.49 -25.40 25.87
N ILE A 47 -23.59 -24.93 25.01
CA ILE A 47 -23.85 -24.40 23.67
C ILE A 47 -24.73 -25.31 22.83
N ASP A 48 -24.43 -26.60 22.85
CA ASP A 48 -25.17 -27.60 22.08
C ASP A 48 -26.64 -27.66 22.48
N LYS A 49 -26.95 -27.33 23.73
CA LYS A 49 -28.34 -27.29 24.19
C LYS A 49 -29.12 -26.15 23.56
N PHE A 50 -28.47 -25.22 22.88
CA PHE A 50 -29.11 -24.06 22.28
C PHE A 50 -28.92 -24.11 20.77
N PRO A 51 -29.98 -23.86 20.01
CA PRO A 51 -29.85 -23.84 18.55
C PRO A 51 -29.02 -22.66 18.08
N ARG A 52 -28.38 -22.84 16.93
CA ARG A 52 -27.32 -21.97 16.47
C ARG A 52 -27.55 -21.52 15.03
N GLY A 53 -27.27 -20.25 14.77
CA GLY A 53 -27.38 -19.67 13.46
C GLY A 53 -26.10 -19.82 12.64
N ASN A 54 -25.95 -18.95 11.64
CA ASN A 54 -24.79 -19.00 10.76
C ASN A 54 -23.75 -17.98 11.22
N LEU A 55 -22.61 -17.95 10.53
CA LEU A 55 -21.50 -17.07 10.87
C LEU A 55 -21.81 -15.63 10.54
N LEU A 56 -21.55 -14.73 11.49
CA LEU A 56 -21.61 -13.30 11.23
C LEU A 56 -20.27 -12.71 11.64
N GLY A 57 -20.20 -11.38 11.67
CA GLY A 57 -19.02 -10.73 12.20
C GLY A 57 -18.28 -9.87 11.20
N ILE A 58 -17.95 -8.65 11.61
CA ILE A 58 -17.15 -7.71 10.82
C ILE A 58 -15.77 -8.32 10.61
N PRO A 59 -15.33 -8.45 9.36
CA PRO A 59 -14.04 -9.08 9.11
C PRO A 59 -12.88 -8.19 9.51
N GLY A 60 -11.69 -8.78 9.50
CA GLY A 60 -10.50 -8.00 9.73
C GLY A 60 -10.08 -7.90 11.17
N ALA A 61 -10.50 -6.81 11.81
CA ALA A 61 -9.86 -6.31 13.01
C ALA A 61 -10.95 -5.66 13.88
N PRO A 62 -10.66 -5.16 15.10
CA PRO A 62 -9.54 -5.11 16.05
C PRO A 62 -9.69 -5.93 17.33
N GLU A 63 -8.66 -5.85 18.18
CA GLU A 63 -8.61 -6.63 19.42
C GLU A 63 -9.33 -5.94 20.58
N ARG A 64 -8.83 -4.78 21.03
CA ARG A 64 -9.44 -4.15 22.19
C ARG A 64 -9.22 -2.64 22.14
N MET A 65 -10.04 -1.94 22.91
CA MET A 65 -10.11 -0.49 22.89
C MET A 65 -9.54 0.06 24.19
N VAL A 66 -8.22 0.19 24.23
CA VAL A 66 -7.59 0.98 25.27
C VAL A 66 -7.47 2.43 24.79
N GLN A 67 -7.12 3.31 25.73
CA GLN A 67 -6.82 4.71 25.40
C GLN A 67 -5.96 5.31 26.49
N ASN A 68 -5.01 6.17 26.12
CA ASN A 68 -4.15 6.83 27.09
C ASN A 68 -4.74 8.16 27.53
N ALA A 69 -4.84 8.36 28.85
CA ALA A 69 -5.66 9.43 29.40
C ALA A 69 -5.07 10.82 29.24
N ALA A 70 -3.95 10.96 28.53
CA ALA A 70 -3.44 12.28 28.22
C ALA A 70 -4.36 12.97 27.22
N THR A 71 -5.18 13.87 27.73
CA THR A 71 -6.10 14.64 26.90
C THR A 71 -5.45 15.75 26.11
N ASP A 72 -4.16 15.97 26.30
CA ASP A 72 -3.41 16.92 25.50
C ASP A 72 -3.25 16.37 24.08
N ALA A 73 -3.49 17.23 23.09
CA ALA A 73 -3.40 16.83 21.69
C ALA A 73 -2.00 17.17 21.18
N GLU A 74 -1.04 16.30 21.47
CA GLU A 74 0.30 16.37 20.88
C GLU A 74 0.28 15.50 19.63
N TRP A 75 0.85 16.01 18.55
CA TRP A 75 0.93 15.24 17.33
C TRP A 75 2.23 15.55 16.60
N THR A 76 2.97 14.51 16.27
CA THR A 76 4.19 14.67 15.52
C THR A 76 4.06 13.91 14.22
N VAL A 77 4.10 14.62 13.12
CA VAL A 77 4.23 13.98 11.82
C VAL A 77 5.57 14.42 11.24
N CYS A 78 6.37 13.46 10.83
CA CYS A 78 7.78 13.74 10.69
C CYS A 78 8.21 13.26 9.32
N ASP A 79 9.41 13.66 8.91
CA ASP A 79 9.98 13.14 7.68
C ASP A 79 11.42 12.77 7.98
N ALA A 80 11.73 11.51 7.70
CA ALA A 80 13.04 10.95 7.91
C ALA A 80 13.48 10.24 6.64
N VAL A 81 14.48 10.82 6.00
CA VAL A 81 15.19 10.20 4.90
C VAL A 81 16.32 9.36 5.48
N GLY A 82 15.97 8.16 5.97
CA GLY A 82 16.94 7.28 6.59
C GLY A 82 17.86 6.72 5.52
N GLY A 83 19.13 6.58 5.85
CA GLY A 83 20.07 6.61 4.76
C GLY A 83 20.09 8.06 4.31
N ALA A 84 20.77 8.90 5.10
CA ALA A 84 20.69 10.35 5.00
C ALA A 84 21.21 10.86 3.65
N ASN A 85 20.31 11.52 2.92
CA ASN A 85 20.64 12.36 1.77
C ASN A 85 21.30 11.70 0.54
N PRO A 86 20.78 10.55 0.04
CA PRO A 86 20.70 10.40 -1.42
C PRO A 86 19.34 10.81 -1.96
N GLY A 87 19.14 10.62 -3.27
CA GLY A 87 17.84 10.91 -3.86
C GLY A 87 16.75 9.94 -3.43
N VAL A 88 17.12 8.66 -3.26
CA VAL A 88 16.19 7.64 -2.82
C VAL A 88 16.71 7.03 -1.52
N THR A 89 15.81 6.89 -0.55
CA THR A 89 16.14 6.61 0.84
C THR A 89 15.26 5.48 1.38
N VAL A 90 15.34 5.22 2.68
CA VAL A 90 14.25 4.56 3.38
C VAL A 90 13.39 5.66 3.99
N ILE A 91 12.12 5.65 3.63
CA ILE A 91 11.21 6.73 3.94
C ILE A 91 10.46 6.38 5.21
N ALA A 92 10.90 6.99 6.30
CA ALA A 92 10.06 7.05 7.47
C ALA A 92 9.30 8.35 7.40
N GLY A 93 7.99 8.29 7.58
CA GLY A 93 7.29 9.43 8.12
C GLY A 93 6.84 9.06 9.50
N PRO A 94 7.58 9.46 10.52
CA PRO A 94 7.25 9.03 11.87
C PRO A 94 6.04 9.72 12.44
N LEU A 95 5.25 8.95 13.18
CA LEU A 95 3.98 9.42 13.73
C LEU A 95 3.97 9.09 15.20
N GLY A 96 4.41 10.02 16.02
CA GLY A 96 4.16 9.91 17.44
C GLY A 96 3.06 10.86 17.82
N ALA A 97 2.34 10.57 18.91
CA ALA A 97 1.37 11.54 19.44
C ALA A 97 1.59 11.62 20.94
N ASP A 98 2.59 12.40 21.35
CA ASP A 98 3.05 12.51 22.73
C ASP A 98 4.14 13.57 22.75
N GLY A 99 4.68 13.80 23.95
CA GLY A 99 5.96 14.46 24.05
C GLY A 99 7.07 13.58 23.46
N GLU A 100 8.21 14.20 23.20
CA GLU A 100 9.25 13.55 22.43
C GLU A 100 10.59 14.16 22.83
N ARG A 101 11.66 13.63 22.24
CA ARG A 101 13.01 14.11 22.52
C ARG A 101 13.19 15.45 21.81
N ALA A 102 14.23 16.20 22.16
CA ALA A 102 14.48 17.55 21.68
C ALA A 102 14.80 17.58 20.18
N ALA A 103 14.02 18.37 19.45
CA ALA A 103 14.31 18.72 18.06
C ALA A 103 13.70 20.09 17.86
N PRO A 104 14.49 21.13 17.99
CA PRO A 104 13.91 22.48 18.02
C PRO A 104 13.71 23.04 16.63
N LEU A 105 13.31 24.29 16.59
CA LEU A 105 13.66 25.10 15.43
C LEU A 105 14.16 26.44 15.93
N PRO A 106 15.46 26.70 15.84
CA PRO A 106 15.96 28.03 16.10
C PRO A 106 15.47 28.98 15.02
N PRO A 107 15.23 30.26 15.34
CA PRO A 107 14.54 31.13 14.39
C PRO A 107 15.36 31.47 13.17
N ASP A 108 16.69 31.40 13.26
CA ASP A 108 17.51 31.50 12.06
C ASP A 108 17.39 30.26 11.21
N HIS A 109 17.16 29.12 11.82
CA HIS A 109 17.07 27.87 11.08
C HIS A 109 15.74 27.85 10.34
N ALA A 110 15.81 27.73 9.01
CA ALA A 110 14.65 27.49 8.18
C ALA A 110 15.16 26.80 6.92
N VAL A 111 14.34 25.95 6.33
CA VAL A 111 14.89 24.93 5.44
C VAL A 111 14.22 24.97 4.07
N LEU A 112 15.06 25.04 3.04
CA LEU A 112 14.62 24.99 1.66
C LEU A 112 14.17 23.57 1.31
N VAL A 113 13.38 23.46 0.24
CA VAL A 113 12.93 22.15 -0.23
C VAL A 113 12.47 22.28 -1.69
N HIS A 114 12.62 21.19 -2.43
CA HIS A 114 11.89 21.12 -3.69
C HIS A 114 10.43 20.79 -3.42
N SER A 115 9.66 20.57 -4.48
CA SER A 115 8.34 20.03 -4.25
C SER A 115 8.42 18.54 -3.95
N ASP A 116 7.26 17.89 -3.94
CA ASP A 116 7.25 16.44 -3.85
C ASP A 116 7.88 15.87 -5.10
N ALA A 117 9.13 15.41 -4.94
CA ALA A 117 10.27 15.68 -5.82
C ALA A 117 9.89 15.82 -7.28
N GLU A 118 10.33 16.96 -7.89
CA GLU A 118 10.03 17.53 -9.20
C GLU A 118 9.91 16.46 -10.27
N PRO A 119 8.89 16.48 -11.14
CA PRO A 119 7.99 17.51 -11.68
C PRO A 119 6.80 18.10 -10.88
N ASN A 120 6.66 17.92 -9.56
CA ASN A 120 5.54 18.56 -8.85
C ASN A 120 5.74 20.07 -8.83
N PRO A 121 4.67 20.87 -8.97
CA PRO A 121 4.83 22.29 -9.34
C PRO A 121 5.47 23.13 -8.23
N GLY A 122 6.59 23.75 -8.56
CA GLY A 122 7.22 24.77 -7.75
C GLY A 122 8.30 24.21 -6.84
N ASP A 123 8.97 25.12 -6.14
CA ASP A 123 9.88 24.82 -5.05
C ASP A 123 9.38 25.56 -3.82
N TRP A 124 9.69 25.05 -2.62
CA TRP A 124 9.06 25.58 -1.43
C TRP A 124 10.10 25.82 -0.35
N LEU A 125 9.67 26.50 0.71
CA LEU A 125 10.53 26.72 1.85
C LEU A 125 9.73 26.57 3.13
N LEU A 126 10.30 25.88 4.10
CA LEU A 126 9.71 25.70 5.41
C LEU A 126 10.27 26.78 6.34
N TRP A 127 9.36 27.56 6.92
CA TRP A 127 9.65 28.77 7.63
C TRP A 127 9.66 28.54 9.13
N ASP A 128 9.68 29.67 9.84
CA ASP A 128 9.22 29.67 11.23
C ASP A 128 7.80 29.12 11.33
N GLY A 129 6.85 29.75 10.66
CA GLY A 129 5.49 29.27 10.71
C GLY A 129 5.19 28.14 9.76
N LYS A 130 5.27 28.41 8.46
CA LYS A 130 4.57 27.57 7.50
C LYS A 130 5.51 27.21 6.35
N ARG A 131 4.94 26.67 5.29
CA ARG A 131 5.62 26.50 4.02
C ARG A 131 5.16 27.59 3.06
N SER A 132 6.06 27.99 2.17
CA SER A 132 5.75 29.05 1.23
C SER A 132 6.41 28.75 -0.11
N PRO A 133 5.70 28.96 -1.20
CA PRO A 133 6.28 28.64 -2.51
C PRO A 133 7.19 29.76 -3.00
N ILE A 134 8.29 29.35 -3.62
CA ILE A 134 9.30 30.26 -4.14
C ILE A 134 9.99 29.60 -5.32
N ASP A 135 10.04 30.31 -6.44
CA ASP A 135 10.90 29.91 -7.53
C ASP A 135 12.32 30.36 -7.21
N LEU A 136 13.26 29.43 -7.19
CA LEU A 136 14.60 29.75 -6.72
C LEU A 136 15.56 30.09 -7.84
N ALA A 137 15.07 30.26 -9.07
CA ALA A 137 15.95 30.66 -10.16
C ALA A 137 16.45 32.08 -9.99
N ASP A 138 15.63 32.96 -9.40
CA ASP A 138 16.09 34.31 -9.03
C ASP A 138 17.02 34.17 -7.82
N ARG A 139 18.31 34.05 -8.12
CA ARG A 139 19.31 33.86 -7.07
C ARG A 139 19.49 35.11 -6.24
N ALA A 140 19.40 36.29 -6.86
CA ALA A 140 19.64 37.55 -6.17
C ALA A 140 18.55 37.83 -5.15
N VAL A 141 17.32 37.40 -5.45
CA VAL A 141 16.21 37.60 -4.53
C VAL A 141 16.35 36.72 -3.30
N THR A 142 16.68 35.45 -3.51
CA THR A 142 16.68 34.54 -2.37
C THR A 142 17.95 34.62 -1.57
N ASP A 143 19.07 35.01 -2.18
CA ASP A 143 20.22 35.31 -1.33
C ASP A 143 20.09 36.71 -0.76
N ALA A 144 19.33 37.57 -1.43
CA ALA A 144 18.84 38.76 -0.78
C ALA A 144 17.85 38.44 0.31
N LEU A 145 17.13 37.32 0.21
CA LEU A 145 16.44 36.78 1.36
C LEU A 145 17.40 36.25 2.41
N GLY A 146 18.63 35.94 2.02
CA GLY A 146 19.62 35.62 3.03
C GLY A 146 20.19 34.23 2.95
N LEU A 147 20.33 33.68 1.76
CA LEU A 147 21.01 32.40 1.67
C LEU A 147 22.51 32.57 1.88
N GLY A 148 23.15 31.48 2.25
CA GLY A 148 24.59 31.39 2.12
C GLY A 148 24.98 31.32 0.65
N GLY A 149 26.26 31.58 0.38
CA GLY A 149 26.72 31.60 -0.99
C GLY A 149 26.70 30.21 -1.61
N GLN A 150 25.68 29.99 -2.45
CA GLN A 150 25.32 28.71 -3.07
C GLN A 150 25.34 27.55 -2.09
N ALA A 151 24.51 27.63 -1.05
CA ALA A 151 24.27 26.48 -0.18
C ALA A 151 23.01 25.74 -0.61
N LEU A 152 22.61 25.92 -1.86
CA LEU A 152 21.35 25.39 -2.36
C LEU A 152 21.59 24.04 -3.02
N ALA A 153 21.08 23.00 -2.36
CA ALA A 153 20.99 21.69 -2.90
C ALA A 153 19.73 21.20 -2.19
N PRO A 154 18.55 21.49 -2.73
CA PRO A 154 17.32 21.35 -1.95
C PRO A 154 16.92 19.90 -1.77
N ARG A 155 15.79 19.72 -1.10
CA ARG A 155 15.44 18.41 -0.63
C ARG A 155 14.24 17.86 -1.38
N PRO A 156 14.18 16.56 -1.59
CA PRO A 156 12.92 15.91 -1.93
C PRO A 156 12.10 15.81 -0.65
N ILE A 157 10.79 15.60 -0.82
CA ILE A 157 9.89 15.58 0.30
C ILE A 157 8.74 14.64 0.01
N ALA A 158 8.32 13.90 1.02
CA ALA A 158 7.10 13.12 0.92
C ALA A 158 5.90 14.05 0.90
N ALA A 159 4.84 13.59 0.24
CA ALA A 159 3.63 14.40 0.10
C ALA A 159 2.91 14.54 1.43
N GLY A 160 3.15 13.63 2.37
CA GLY A 160 2.46 13.68 3.66
C GLY A 160 2.86 14.88 4.49
N LEU A 161 4.17 15.10 4.63
CA LEU A 161 4.62 16.30 5.34
C LEU A 161 4.30 17.56 4.55
N PHE A 162 4.28 17.47 3.22
CA PHE A 162 3.99 18.64 2.42
C PHE A 162 2.54 19.05 2.57
N ASN A 163 1.66 18.09 2.81
CA ASN A 163 0.29 18.44 3.12
C ASN A 163 0.05 18.54 4.61
N ALA A 164 1.06 18.28 5.43
CA ALA A 164 0.89 18.42 6.86
C ALA A 164 0.82 19.89 7.26
N VAL A 165 1.84 20.64 6.90
CA VAL A 165 1.87 22.06 7.26
C VAL A 165 1.00 22.85 6.29
N PRO A 166 0.19 23.80 6.76
CA PRO A 166 -0.53 24.67 5.82
C PRO A 166 0.41 25.61 5.11
N ALA A 167 0.01 26.09 3.94
CA ALA A 167 0.85 26.97 3.14
C ALA A 167 0.60 28.41 3.57
N ALA A 168 1.66 29.18 3.63
CA ALA A 168 1.55 30.62 3.80
C ALA A 168 1.33 31.27 2.44
N PRO A 169 0.98 32.57 2.39
CA PRO A 169 0.96 33.27 1.10
C PRO A 169 2.32 33.34 0.42
N ALA A 170 2.28 33.78 -0.84
CA ALA A 170 3.37 33.54 -1.78
C ALA A 170 4.59 34.39 -1.45
N LEU A 171 5.67 34.14 -2.20
CA LEU A 171 6.96 34.75 -1.88
C LEU A 171 7.53 35.39 -3.15
N THR A 172 7.12 36.64 -3.39
CA THR A 172 7.80 37.53 -4.30
C THR A 172 7.86 38.90 -3.64
N ALA A 173 8.21 39.90 -4.42
CA ALA A 173 7.91 41.25 -4.00
C ALA A 173 6.44 41.49 -4.24
N PRO A 174 5.72 42.18 -3.36
CA PRO A 174 4.30 42.42 -3.61
C PRO A 174 4.10 43.44 -4.70
N VAL A 175 3.06 43.22 -5.49
CA VAL A 175 2.72 44.14 -6.57
C VAL A 175 2.12 45.39 -5.95
N ILE A 176 2.66 46.54 -6.31
CA ILE A 176 2.27 47.79 -5.66
C ILE A 176 1.63 48.70 -6.70
N PRO A 177 0.44 49.24 -6.42
CA PRO A 177 -0.19 50.14 -7.38
C PRO A 177 0.56 51.46 -7.49
N ASP A 178 1.22 51.65 -8.64
CA ASP A 178 2.06 52.81 -8.95
C ASP A 178 3.15 53.03 -7.91
N ALA A 179 4.02 52.03 -7.76
CA ALA A 179 5.21 52.21 -6.94
C ALA A 179 6.19 53.14 -7.66
N GLY A 180 7.02 53.84 -6.89
CA GLY A 180 7.87 54.88 -7.45
C GLY A 180 7.19 56.22 -7.64
N ALA A 181 5.87 56.28 -7.59
CA ALA A 181 5.12 57.50 -7.84
C ALA A 181 5.04 58.31 -6.55
N ALA A 182 4.15 59.26 -6.56
CA ALA A 182 3.92 60.22 -5.49
C ALA A 182 2.95 59.66 -4.44
N PRO A 183 3.24 59.90 -3.16
CA PRO A 183 2.33 59.45 -2.09
C PRO A 183 1.22 60.46 -1.87
N GLN A 184 0.37 60.18 -0.91
CA GLN A 184 -0.63 61.15 -0.50
C GLN A 184 -0.27 61.87 0.79
N PHE A 185 0.92 61.64 1.32
CA PHE A 185 1.36 62.29 2.55
C PHE A 185 2.67 63.04 2.40
N GLU A 186 3.40 62.81 1.30
CA GLU A 186 4.35 63.78 0.74
C GLU A 186 5.52 64.19 1.65
N LEU A 187 6.44 63.28 1.91
CA LEU A 187 7.71 63.56 2.59
C LEU A 187 8.57 64.51 1.75
N SER A 188 9.70 64.94 2.34
CA SER A 188 10.73 65.71 1.65
C SER A 188 11.21 64.98 0.40
N LEU A 189 11.82 65.76 -0.50
CA LEU A 189 11.84 65.57 -1.96
C LEU A 189 12.22 64.20 -2.56
N PRO A 190 13.32 63.51 -2.16
CA PRO A 190 13.84 62.45 -3.05
C PRO A 190 13.03 61.16 -3.08
N VAL A 191 11.99 61.07 -2.26
CA VAL A 191 11.41 59.77 -1.96
C VAL A 191 10.43 59.31 -3.04
N PRO A 192 10.59 58.10 -3.56
CA PRO A 192 9.50 57.46 -4.31
C PRO A 192 8.69 56.55 -3.41
N VAL A 193 7.45 56.25 -3.76
CA VAL A 193 6.72 55.26 -2.98
C VAL A 193 7.26 53.89 -3.34
N GLY A 194 7.36 53.02 -2.36
CA GLY A 194 8.08 51.77 -2.54
C GLY A 194 9.55 51.90 -2.28
N ALA A 195 9.95 52.82 -1.42
CA ALA A 195 11.32 53.00 -1.00
C ALA A 195 11.45 52.77 0.50
N VAL A 196 12.68 52.88 0.99
CA VAL A 196 13.01 52.54 2.36
C VAL A 196 13.82 53.68 2.96
N VAL A 197 13.67 53.85 4.27
CA VAL A 197 14.31 54.90 5.04
C VAL A 197 14.95 54.25 6.25
N VAL A 198 15.99 54.89 6.77
CA VAL A 198 16.66 54.45 7.97
C VAL A 198 16.56 55.54 9.02
N ALA A 199 16.81 55.16 10.27
CA ALA A 199 17.08 56.15 11.33
C ALA A 199 17.97 55.48 12.36
N TYR A 200 18.70 56.27 13.15
CA TYR A 200 19.55 55.69 14.18
C TYR A 200 18.70 55.29 15.39
N ASP A 201 17.88 54.27 15.22
CA ASP A 201 16.91 53.89 16.23
C ASP A 201 17.47 52.97 17.29
N ALA A 202 18.33 52.03 16.92
CA ALA A 202 19.37 51.63 17.84
C ALA A 202 20.23 52.85 18.08
N ASP A 203 20.61 53.08 19.35
CA ASP A 203 21.28 54.31 19.70
C ASP A 203 22.65 54.43 19.03
N ASN A 204 23.24 53.30 18.63
CA ASN A 204 24.30 53.32 17.63
C ASN A 204 23.78 53.76 16.27
N THR A 205 22.88 52.99 15.67
CA THR A 205 22.71 53.10 14.23
C THR A 205 21.32 52.65 13.80
N ALA A 206 21.17 52.42 12.51
CA ALA A 206 19.94 52.53 11.74
C ALA A 206 18.92 51.44 12.06
N ARG A 207 17.74 51.60 11.45
CA ARG A 207 16.61 50.69 11.45
C ARG A 207 15.70 51.19 10.33
N TYR A 208 14.96 50.25 9.74
CA TYR A 208 14.60 50.28 8.32
C TYR A 208 13.09 50.22 8.15
N TYR A 209 12.53 51.12 7.34
CA TYR A 209 11.09 51.27 7.23
C TYR A 209 10.71 51.61 5.80
N ALA A 210 9.61 51.03 5.33
CA ALA A 210 9.19 51.25 3.96
C ALA A 210 8.06 52.25 3.92
N VAL A 211 7.70 52.67 2.70
CA VAL A 211 6.77 53.78 2.50
C VAL A 211 5.60 53.32 1.64
N LEU A 212 4.43 53.86 1.94
CA LEU A 212 3.22 53.72 1.15
C LEU A 212 2.73 55.13 0.83
N SER A 213 1.64 55.25 0.09
CA SER A 213 1.02 56.56 -0.17
C SER A 213 0.49 57.20 1.09
N ASP A 214 0.18 56.42 2.12
CA ASP A 214 -0.29 56.98 3.39
C ASP A 214 0.84 57.33 4.34
N GLY A 215 1.87 56.50 4.42
CA GLY A 215 2.89 56.69 5.44
C GLY A 215 3.90 55.57 5.51
N LEU A 216 4.13 55.04 6.72
CA LEU A 216 5.30 54.22 6.99
C LEU A 216 4.87 52.77 7.24
N GLN A 217 5.82 51.85 7.09
CA GLN A 217 5.65 50.45 7.40
C GLN A 217 6.90 49.97 8.14
N PRO A 218 6.73 49.27 9.27
CA PRO A 218 7.90 48.71 9.97
C PRO A 218 8.35 47.42 9.31
N ILE A 219 9.44 47.49 8.58
CA ILE A 219 9.84 46.36 7.76
C ILE A 219 11.16 45.80 8.25
N SER A 220 11.45 44.59 7.82
CA SER A 220 12.73 43.98 8.05
C SER A 220 13.77 44.57 7.09
N PRO A 221 15.05 44.45 7.43
CA PRO A 221 16.09 44.65 6.40
C PRO A 221 15.98 43.67 5.25
N VAL A 222 15.44 42.48 5.50
CA VAL A 222 15.23 41.50 4.43
C VAL A 222 14.20 42.01 3.44
N LEU A 223 13.08 42.54 3.94
CA LEU A 223 12.08 43.16 3.09
C LEU A 223 12.64 44.37 2.36
N ALA A 224 13.54 45.09 3.02
CA ALA A 224 14.19 46.24 2.40
C ALA A 224 15.06 45.82 1.23
N ALA A 225 15.80 44.73 1.39
CA ALA A 225 16.59 44.21 0.28
C ALA A 225 15.69 43.69 -0.82
N ILE A 226 14.53 43.14 -0.45
CA ILE A 226 13.55 42.65 -1.42
C ILE A 226 13.06 43.79 -2.30
N LEU A 227 12.58 44.87 -1.68
CA LEU A 227 12.10 46.00 -2.46
C LEU A 227 13.23 46.73 -3.17
N ARG A 228 14.45 46.65 -2.62
CA ARG A 228 15.60 47.27 -3.25
C ARG A 228 15.97 46.58 -4.55
N ASN A 229 16.00 45.26 -4.56
CA ASN A 229 16.26 44.55 -5.82
C ASN A 229 15.03 44.55 -6.70
N THR A 230 13.86 44.81 -6.13
CA THR A 230 12.65 44.99 -6.94
C THR A 230 12.77 46.24 -7.78
N ASP A 231 12.91 47.39 -7.13
CA ASP A 231 13.28 48.60 -7.83
C ASP A 231 14.18 49.40 -6.91
N SER A 232 15.36 49.73 -7.41
CA SER A 232 16.19 50.72 -6.71
C SER A 232 15.68 52.13 -6.91
N HIS A 233 14.80 52.33 -7.91
CA HIS A 233 14.30 53.63 -8.35
C HIS A 233 15.46 54.58 -8.69
N GLY A 234 16.54 54.02 -9.23
CA GLY A 234 17.76 54.77 -9.47
C GLY A 234 18.43 55.33 -8.24
N PHE A 235 18.24 54.73 -7.07
CA PHE A 235 18.75 55.27 -5.82
C PHE A 235 19.61 54.21 -5.14
N ALA A 236 20.81 54.61 -4.75
CA ALA A 236 21.77 53.64 -4.20
C ALA A 236 21.40 53.25 -2.78
N GLN A 237 20.97 54.22 -1.98
CA GLN A 237 20.88 53.94 -0.58
C GLN A 237 19.68 54.64 0.04
N PRO A 238 19.14 54.11 1.13
CA PRO A 238 18.07 54.81 1.86
C PRO A 238 18.60 56.06 2.53
N PRO A 239 17.74 57.05 2.77
CA PRO A 239 18.15 58.23 3.53
C PRO A 239 17.88 58.06 5.02
N ARG A 240 18.46 58.96 5.79
CA ARG A 240 18.26 58.97 7.23
C ARG A 240 17.34 60.10 7.64
N LEU A 241 16.41 59.80 8.52
CA LEU A 241 15.58 60.79 9.21
C LEU A 241 15.74 60.61 10.71
N GLY A 242 14.96 61.36 11.47
CA GLY A 242 15.01 61.25 12.90
C GLY A 242 13.63 60.97 13.48
N PRO A 243 13.58 60.63 14.77
CA PRO A 243 12.31 60.32 15.43
C PRO A 243 11.41 61.54 15.55
N ASP A 244 12.06 62.69 15.73
CA ASP A 244 11.41 63.99 15.55
C ASP A 244 10.66 64.07 14.24
N GLU A 245 11.30 63.62 13.16
CA GLU A 245 10.65 63.58 11.87
C GLU A 245 9.71 62.39 11.74
N VAL A 246 10.05 61.24 12.35
CA VAL A 246 9.22 60.04 12.26
C VAL A 246 7.84 60.31 12.83
N ALA A 247 7.78 61.03 13.94
CA ALA A 247 6.50 61.51 14.43
C ALA A 247 6.02 62.74 13.68
N ARG A 248 6.92 63.64 13.30
CA ARG A 248 6.54 64.93 12.74
C ARG A 248 6.02 64.82 11.32
N THR A 249 6.70 64.05 10.47
CA THR A 249 6.07 63.54 9.27
C THR A 249 5.06 62.49 9.70
N PRO A 250 3.92 62.34 9.01
CA PRO A 250 2.87 61.43 9.50
C PRO A 250 3.30 59.97 9.58
N MET A 251 3.36 59.46 10.79
CA MET A 251 3.50 58.03 11.03
C MET A 251 2.13 57.41 10.81
N SER A 252 1.72 57.35 9.54
CA SER A 252 0.36 56.97 9.16
C SER A 252 0.48 55.54 8.66
N ARG A 253 0.24 54.62 9.57
CA ARG A 253 0.71 53.25 9.43
C ARG A 253 -0.18 52.48 8.47
N GLY A 254 0.20 52.47 7.20
CA GLY A 254 -0.39 51.54 6.26
C GLY A 254 0.20 50.15 6.44
N LEU A 255 -0.47 49.16 5.85
CA LEU A 255 -0.12 47.76 6.10
C LEU A 255 -0.03 46.99 4.80
N ASP A 256 1.15 46.46 4.51
CA ASP A 256 1.36 45.34 3.60
C ASP A 256 2.14 44.30 4.38
N THR A 257 1.60 43.09 4.46
CA THR A 257 1.95 42.11 5.47
C THR A 257 3.41 41.67 5.48
N SER A 258 3.96 41.52 6.68
CA SER A 258 5.31 40.98 6.82
C SER A 258 5.24 39.50 7.15
N ALA A 259 4.73 38.71 6.23
CA ALA A 259 4.93 37.27 6.32
C ALA A 259 6.37 36.90 6.00
N TYR A 260 7.05 37.75 5.24
CA TYR A 260 8.46 37.62 4.98
C TYR A 260 9.25 37.82 6.27
N PRO A 261 10.47 37.22 6.39
CA PRO A 261 11.05 37.10 7.74
C PRO A 261 11.76 38.36 8.18
N ASP A 262 12.42 38.30 9.32
CA ASP A 262 13.13 39.47 9.83
C ASP A 262 14.63 39.38 9.68
N ASN A 263 15.14 38.21 9.33
CA ASN A 263 16.53 37.89 9.56
C ASN A 263 17.16 37.20 8.37
N PRO A 264 18.49 37.12 8.33
CA PRO A 264 19.13 36.09 7.52
C PRO A 264 18.81 34.71 8.07
N VAL A 265 18.80 33.73 7.17
CA VAL A 265 18.34 32.38 7.49
C VAL A 265 19.51 31.41 7.55
N THR A 266 19.59 30.67 8.66
CA THR A 266 20.49 29.53 8.74
C THR A 266 19.91 28.41 7.89
N LEU A 267 20.57 28.11 6.78
CA LEU A 267 20.14 27.04 5.89
C LEU A 267 20.53 25.71 6.51
N VAL A 268 19.55 24.83 6.62
CA VAL A 268 19.80 23.55 7.27
C VAL A 268 20.33 22.58 6.23
N GLU A 269 21.28 21.75 6.64
CA GLU A 269 21.88 20.76 5.76
C GLU A 269 21.33 19.39 6.09
N ALA A 270 20.79 18.71 5.08
CA ALA A 270 20.12 17.44 5.30
C ALA A 270 21.11 16.33 5.61
N SER A 271 22.36 16.46 5.18
CA SER A 271 23.36 15.53 5.66
C SER A 271 23.67 15.79 7.13
N ALA A 272 23.70 17.06 7.53
CA ALA A 272 23.87 17.38 8.95
C ALA A 272 22.60 17.08 9.72
N HIS A 273 21.45 17.41 9.15
CA HIS A 273 20.17 17.25 9.84
C HIS A 273 19.13 16.71 8.87
N PRO A 274 18.99 15.40 8.78
CA PRO A 274 17.99 14.81 7.87
C PRO A 274 16.56 15.05 8.31
N VAL A 275 16.25 14.79 9.58
CA VAL A 275 14.84 14.63 9.92
C VAL A 275 14.23 15.99 10.20
N THR A 276 13.12 16.25 9.50
CA THR A 276 12.42 17.53 9.60
C THR A 276 10.96 17.22 9.90
N CYS A 277 10.35 17.99 10.79
CA CYS A 277 9.20 17.45 11.50
C CYS A 277 8.16 18.54 11.71
N ALA A 278 6.93 18.12 11.97
CA ALA A 278 5.82 19.02 12.20
C ALA A 278 5.14 18.64 13.50
N HIS A 279 5.06 19.61 14.40
CA HIS A 279 4.52 19.43 15.73
C HIS A 279 3.17 20.13 15.77
N TRP A 280 2.13 19.38 15.45
CA TRP A 280 0.77 19.88 15.48
C TRP A 280 0.23 19.65 16.88
N THR A 281 -0.02 20.73 17.61
CA THR A 281 -0.46 20.59 18.98
C THR A 281 -1.70 21.44 19.22
N LYS A 282 -2.76 20.78 19.68
CA LYS A 282 -3.90 21.49 20.24
C LYS A 282 -3.99 21.04 21.69
N PRO A 283 -3.68 21.91 22.64
CA PRO A 283 -3.74 21.50 24.03
C PRO A 283 -5.17 21.37 24.52
N SER A 284 -5.31 20.75 25.68
CA SER A 284 -6.54 20.89 26.44
C SER A 284 -6.73 22.35 26.81
N ASP A 285 -8.00 22.80 26.77
CA ASP A 285 -8.36 24.21 26.86
C ASP A 285 -7.63 25.03 25.80
N ALA A 286 -7.94 24.77 24.55
CA ALA A 286 -7.45 25.57 23.44
C ALA A 286 -8.60 25.94 22.52
N ALA A 287 -8.52 27.13 21.94
CA ALA A 287 -9.52 27.55 20.97
C ALA A 287 -9.05 27.30 19.55
N GLU A 288 -7.76 27.47 19.29
CA GLU A 288 -7.19 27.17 17.99
C GLU A 288 -5.85 26.48 18.18
N SER A 289 -5.55 25.55 17.28
CA SER A 289 -4.39 24.70 17.41
C SER A 289 -3.11 25.40 16.97
N SER A 290 -2.08 25.20 17.77
CA SER A 290 -0.74 25.66 17.46
C SER A 290 -0.02 24.64 16.60
N LEU A 291 1.03 25.11 15.94
CA LEU A 291 1.85 24.28 15.07
C LEU A 291 3.27 24.81 15.09
N SER A 292 4.22 23.91 15.32
CA SER A 292 5.62 24.24 15.21
C SER A 292 6.29 23.36 14.17
N VAL A 293 7.48 23.76 13.78
CA VAL A 293 8.36 22.94 12.95
C VAL A 293 9.51 22.47 13.82
N LEU A 294 9.89 21.21 13.67
CA LEU A 294 10.96 20.62 14.43
C LEU A 294 12.03 20.17 13.47
N SER A 295 13.24 19.97 14.00
CA SER A 295 14.37 19.72 13.11
C SER A 295 15.48 19.05 13.89
N GLY A 296 16.15 18.11 13.24
CA GLY A 296 17.35 17.54 13.81
C GLY A 296 17.94 16.46 12.94
N ALA A 297 18.85 15.71 13.55
CA ALA A 297 19.39 14.50 12.96
C ALA A 297 19.02 13.25 13.74
N VAL A 298 18.88 13.36 15.06
CA VAL A 298 18.41 12.25 15.87
C VAL A 298 16.93 12.05 15.56
N LEU A 299 16.50 10.80 15.50
CA LEU A 299 15.08 10.52 15.33
C LEU A 299 14.33 10.98 16.56
N PRO A 300 13.54 12.03 16.46
CA PRO A 300 13.25 12.86 17.63
C PRO A 300 12.17 12.34 18.54
N LEU A 301 11.64 11.17 18.24
CA LEU A 301 10.52 10.64 18.99
C LEU A 301 11.00 10.15 20.35
N ALA A 302 10.04 9.83 21.22
CA ALA A 302 10.25 9.65 22.64
C ALA A 302 11.15 8.45 22.94
N GLU A 303 11.74 8.47 24.13
CA GLU A 303 12.74 7.49 24.52
C GLU A 303 12.08 6.19 24.92
N GLY A 304 12.52 5.10 24.29
CA GLY A 304 11.90 3.79 24.43
C GLY A 304 10.86 3.53 23.38
N LEU A 305 10.40 4.57 22.69
CA LEU A 305 9.35 4.40 21.69
C LEU A 305 9.90 3.85 20.38
N HIS A 306 11.22 3.82 20.20
CA HIS A 306 11.78 3.28 18.97
C HIS A 306 11.98 1.78 19.04
N THR A 307 12.12 1.22 20.24
CA THR A 307 12.12 -0.23 20.35
C THR A 307 10.74 -0.80 20.11
N VAL A 308 9.71 -0.03 20.40
CA VAL A 308 8.34 -0.43 20.12
C VAL A 308 7.84 0.35 18.89
N ASP A 309 8.77 0.85 18.08
CA ASP A 309 8.39 1.48 16.82
C ASP A 309 7.85 0.44 15.85
N LEU A 310 6.97 0.88 14.96
CA LEU A 310 6.39 -0.01 13.97
C LEU A 310 6.67 0.57 12.60
N VAL A 311 7.24 -0.25 11.72
CA VAL A 311 7.73 0.18 10.41
C VAL A 311 6.55 0.50 9.50
N GLY A 312 6.82 1.14 8.35
CA GLY A 312 5.76 1.50 7.44
C GLY A 312 6.13 1.60 5.97
N ALA A 313 5.18 1.14 5.13
CA ALA A 313 5.27 1.17 3.68
C ALA A 313 3.86 1.28 3.09
N GLY A 314 3.72 0.96 1.81
CA GLY A 314 2.39 0.89 1.23
C GLY A 314 1.71 2.20 0.89
N ALA A 315 2.18 2.84 -0.19
CA ALA A 315 1.68 4.12 -0.65
C ALA A 315 0.17 4.11 -0.91
N GLY A 316 -0.40 5.31 -0.98
CA GLY A 316 -1.82 5.48 -0.81
C GLY A 316 -2.06 6.09 0.56
N GLY A 317 -1.24 7.10 0.87
CA GLY A 317 -1.19 7.67 2.19
C GLY A 317 0.19 7.51 2.78
N ALA A 318 0.30 6.80 3.89
CA ALA A 318 1.58 6.59 4.55
C ALA A 318 2.33 5.46 3.85
N ALA A 319 3.55 5.76 3.45
CA ALA A 319 4.59 4.76 3.26
C ALA A 319 5.55 4.78 4.45
N ASN A 320 4.98 4.94 5.63
CA ASN A 320 5.60 5.66 6.73
C ASN A 320 5.42 4.91 8.04
N ARG A 321 6.43 4.99 8.91
CA ARG A 321 6.44 4.21 10.15
C ARG A 321 5.66 4.91 11.26
N VAL A 322 5.32 4.16 12.32
CA VAL A 322 4.53 4.70 13.42
C VAL A 322 5.12 4.15 14.73
N ALA A 323 4.79 4.81 15.84
CA ALA A 323 5.29 4.38 17.15
C ALA A 323 4.36 4.89 18.24
N LEU A 324 3.75 3.96 18.99
CA LEU A 324 2.92 4.29 20.15
C LEU A 324 2.94 3.11 21.12
N THR A 325 2.17 3.28 22.19
CA THR A 325 1.75 2.19 23.05
C THR A 325 0.51 1.57 22.39
N PRO A 326 -0.09 0.52 22.97
CA PRO A 326 -1.43 0.06 22.54
C PRO A 326 -2.48 1.16 22.34
N GLY A 327 -3.42 0.90 21.43
CA GLY A 327 -4.05 1.92 20.61
C GLY A 327 -5.03 2.83 21.33
N THR A 328 -5.74 3.63 20.52
CA THR A 328 -6.49 4.79 20.99
C THR A 328 -7.65 5.09 20.06
N GLY A 329 -8.40 6.13 20.40
CA GLY A 329 -9.49 6.59 19.56
C GLY A 329 -9.74 8.07 19.73
N TYR A 330 -9.90 8.81 18.64
CA TYR A 330 -9.79 10.25 18.68
C TYR A 330 -11.01 10.95 18.10
N PHE A 331 -11.21 12.20 18.54
CA PHE A 331 -12.30 13.07 18.13
C PHE A 331 -11.84 13.86 16.91
N VAL A 332 -11.60 13.15 15.83
CA VAL A 332 -10.88 13.69 14.70
C VAL A 332 -11.72 14.72 13.96
N GLN A 333 -11.10 15.84 13.63
CA GLN A 333 -11.69 16.80 12.72
C GLN A 333 -11.69 16.19 11.34
N THR A 334 -12.83 15.67 10.93
CA THR A 334 -13.16 15.64 9.51
C THR A 334 -13.91 16.91 9.13
N VAL A 335 -14.03 17.83 10.07
CA VAL A 335 -14.27 19.24 9.81
C VAL A 335 -12.90 19.92 9.67
N GLY A 336 -12.40 19.99 8.44
CA GLY A 336 -11.08 20.56 8.21
C GLY A 336 -10.88 20.88 6.73
N ALA A 337 -9.64 21.22 6.39
CA ALA A 337 -9.29 21.64 5.03
C ALA A 337 -9.20 20.41 4.14
N GLU A 338 -10.32 20.09 3.49
CA GLU A 338 -10.55 18.94 2.62
C GLU A 338 -10.15 17.63 3.29
N PRO A 339 -10.95 17.11 4.21
CA PRO A 339 -10.55 15.90 4.93
C PRO A 339 -10.90 14.62 4.20
N GLY A 340 -10.51 14.51 2.94
CA GLY A 340 -11.03 13.45 2.12
C GLY A 340 -12.51 13.66 1.91
N SER A 341 -13.28 12.60 2.12
CA SER A 341 -14.75 12.68 2.04
C SER A 341 -15.47 13.15 3.31
N PRO A 342 -15.21 12.61 4.57
CA PRO A 342 -16.15 12.92 5.67
C PRO A 342 -16.08 14.37 6.14
N THR A 343 -17.24 14.92 6.51
CA THR A 343 -17.35 16.29 6.97
C THR A 343 -18.13 16.34 8.29
N ALA A 344 -17.43 16.10 9.40
CA ALA A 344 -18.04 16.09 10.73
C ALA A 344 -16.91 16.13 11.76
N GLY A 345 -17.23 16.57 12.97
CA GLY A 345 -16.37 16.11 14.05
C GLY A 345 -16.66 14.64 14.21
N SER A 346 -15.76 13.76 13.78
CA SER A 346 -16.07 12.34 13.74
C SER A 346 -15.01 11.56 14.50
N MET A 347 -15.46 10.51 15.18
CA MET A 347 -14.56 9.66 15.94
C MET A 347 -13.89 8.67 15.02
N PHE A 348 -12.57 8.59 15.11
CA PHE A 348 -11.81 7.56 14.41
C PHE A 348 -11.00 6.78 15.43
N TRP A 349 -11.21 5.48 15.51
CA TRP A 349 -10.37 4.63 16.35
C TRP A 349 -9.16 4.20 15.54
N VAL A 350 -8.02 4.08 16.21
CA VAL A 350 -6.76 3.80 15.55
C VAL A 350 -5.93 2.88 16.43
N SER A 351 -5.34 1.88 15.77
CA SER A 351 -4.64 0.82 16.46
C SER A 351 -3.19 1.21 16.72
N ASP A 352 -2.51 0.31 17.43
CA ASP A 352 -1.06 0.38 17.48
C ASP A 352 -0.46 0.02 16.13
N THR A 353 -1.20 -0.73 15.31
CA THR A 353 -0.84 -0.88 13.91
C THR A 353 -1.17 0.37 13.11
N GLY A 354 -2.12 1.17 13.57
CA GLY A 354 -2.42 2.40 12.86
C GLY A 354 -3.35 2.22 11.68
N VAL A 355 -4.50 1.60 11.90
CA VAL A 355 -5.57 1.53 10.92
C VAL A 355 -6.76 2.34 11.44
N ARG A 356 -7.25 3.27 10.62
CA ARG A 356 -8.31 4.14 11.05
C ARG A 356 -9.64 3.39 11.07
N TYR A 357 -10.57 3.87 11.89
CA TYR A 357 -11.89 3.28 12.03
C TYR A 357 -12.87 4.40 12.36
N GLY A 358 -13.50 4.97 11.33
CA GLY A 358 -14.38 6.11 11.51
C GLY A 358 -15.71 5.80 12.14
N ILE A 359 -16.33 6.79 12.78
CA ILE A 359 -17.64 6.62 13.38
C ILE A 359 -18.57 7.74 12.92
N ASP A 360 -19.75 7.37 12.43
CA ASP A 360 -20.76 8.28 11.91
C ASP A 360 -21.56 8.88 13.07
N THR A 361 -22.61 9.64 12.74
CA THR A 361 -23.53 10.15 13.75
C THR A 361 -24.71 9.19 13.93
N ALA A 362 -25.14 8.57 12.84
CA ALA A 362 -26.10 7.47 12.92
C ALA A 362 -25.53 6.29 13.69
N GLU A 363 -24.22 6.12 13.65
CA GLU A 363 -23.51 5.35 14.67
C GLU A 363 -23.47 6.15 15.95
N ASP A 364 -24.45 5.92 16.81
CA ASP A 364 -24.69 6.77 17.98
C ASP A 364 -23.76 6.44 19.14
N ASP A 365 -24.11 6.93 20.34
CA ASP A 365 -23.27 6.73 21.52
C ASP A 365 -23.22 5.29 21.96
N LYS A 366 -24.13 4.45 21.47
CA LYS A 366 -24.07 3.01 21.72
C LYS A 366 -22.79 2.40 21.20
N VAL A 367 -22.25 2.93 20.10
CA VAL A 367 -21.04 2.39 19.49
C VAL A 367 -19.84 2.61 20.39
N VAL A 368 -19.56 3.87 20.72
CA VAL A 368 -18.47 4.21 21.63
C VAL A 368 -18.73 3.65 23.03
N ALA A 369 -20.00 3.48 23.39
CA ALA A 369 -20.37 2.88 24.67
C ALA A 369 -19.92 1.42 24.72
N ALA A 370 -20.27 0.64 23.71
CA ALA A 370 -19.84 -0.75 23.64
C ALA A 370 -18.34 -0.88 23.43
N LEU A 371 -17.71 0.11 22.81
CA LEU A 371 -16.26 0.12 22.76
C LEU A 371 -15.68 0.61 24.07
N GLY A 372 -16.51 1.22 24.92
CA GLY A 372 -16.06 1.68 26.21
C GLY A 372 -15.14 2.87 26.18
N LEU A 373 -15.09 3.59 25.06
CA LEU A 373 -14.14 4.66 24.92
C LEU A 373 -14.67 5.91 25.63
N SER A 374 -13.74 6.80 25.98
CA SER A 374 -14.09 8.02 26.71
C SER A 374 -14.96 8.94 25.87
N THR A 375 -15.84 9.67 26.56
CA THR A 375 -16.71 10.63 25.91
C THR A 375 -15.97 11.83 25.34
N SER A 376 -14.74 12.09 25.78
CA SER A 376 -13.94 13.20 25.27
C SER A 376 -12.69 12.67 24.60
N PRO A 377 -12.73 12.31 23.32
CA PRO A 377 -11.51 11.90 22.62
C PRO A 377 -10.81 13.09 21.99
N LEU A 378 -9.74 12.80 21.22
CA LEU A 378 -8.87 13.93 20.98
C LEU A 378 -9.11 14.56 19.61
N PRO A 379 -9.17 15.89 19.58
CA PRO A 379 -9.22 16.63 18.33
C PRO A 379 -7.97 16.41 17.49
N VAL A 380 -8.16 15.88 16.29
CA VAL A 380 -7.07 15.45 15.42
C VAL A 380 -7.28 16.06 14.04
N PRO A 381 -6.25 16.65 13.43
CA PRO A 381 -6.38 17.16 12.07
C PRO A 381 -6.39 16.04 11.05
N TRP A 382 -6.78 16.39 9.83
CA TRP A 382 -6.90 15.39 8.78
C TRP A 382 -5.55 14.85 8.33
N SER A 383 -4.54 15.73 8.22
CA SER A 383 -3.35 15.37 7.46
C SER A 383 -2.51 14.33 8.17
N VAL A 384 -2.71 14.13 9.46
CA VAL A 384 -2.04 13.04 10.14
C VAL A 384 -2.89 11.78 9.99
N LEU A 385 -4.21 11.96 9.86
CA LEU A 385 -5.08 10.80 9.70
C LEU A 385 -4.92 10.19 8.31
N SER A 386 -4.55 11.02 7.33
CA SER A 386 -4.24 10.53 5.99
C SER A 386 -3.00 9.65 5.97
N GLN A 387 -2.16 9.73 7.00
CA GLN A 387 -1.06 8.81 7.16
C GLN A 387 -1.48 7.55 7.91
N PHE A 388 -2.77 7.30 7.99
CA PHE A 388 -3.34 6.00 8.29
C PHE A 388 -4.23 5.63 7.13
N ALA A 389 -4.80 4.43 7.18
CA ALA A 389 -5.85 4.09 6.23
C ALA A 389 -6.90 3.20 6.88
N ALA A 390 -7.89 2.80 6.09
CA ALA A 390 -9.11 2.19 6.60
C ALA A 390 -9.08 0.69 6.41
N GLY A 391 -9.54 -0.04 7.41
CA GLY A 391 -9.97 -1.40 7.23
C GLY A 391 -11.46 -1.39 6.99
N PRO A 392 -12.20 -2.23 7.71
CA PRO A 392 -13.65 -2.23 7.57
C PRO A 392 -14.29 -1.01 8.22
N ALA A 393 -15.54 -0.78 7.87
CA ALA A 393 -16.37 0.15 8.62
C ALA A 393 -16.87 -0.51 9.89
N LEU A 394 -17.38 0.31 10.81
CA LEU A 394 -17.80 -0.18 12.11
C LEU A 394 -19.26 0.20 12.33
N SER A 395 -20.12 -0.81 12.45
CA SER A 395 -21.47 -0.63 12.96
C SER A 395 -22.00 -1.99 13.40
N ARG A 396 -23.08 -1.95 14.17
CA ARG A 396 -23.85 -3.18 14.36
C ARG A 396 -24.62 -3.51 13.09
N GLY A 397 -24.91 -2.50 12.27
CA GLY A 397 -25.63 -2.74 11.02
C GLY A 397 -24.84 -3.56 10.02
N ASP A 398 -23.59 -3.16 9.73
CA ASP A 398 -22.82 -3.94 8.79
C ASP A 398 -22.21 -5.19 9.40
N ALA A 399 -22.37 -5.40 10.70
CA ALA A 399 -21.92 -6.61 11.35
C ALA A 399 -22.79 -7.82 11.02
N LEU A 400 -23.90 -7.64 10.31
CA LEU A 400 -24.71 -8.74 9.83
C LEU A 400 -24.08 -9.29 8.56
N VAL A 401 -23.15 -10.22 8.75
CA VAL A 401 -22.29 -10.73 7.69
C VAL A 401 -22.61 -12.21 7.51
N ALA A 402 -22.32 -12.75 6.34
CA ALA A 402 -22.44 -14.19 6.11
C ALA A 402 -21.11 -14.87 6.33
N ASN B 1 -0.16 -24.01 36.55
CA ASN B 1 -0.48 -22.64 36.15
C ASN B 1 -0.45 -22.49 34.63
N ALA B 2 -1.50 -21.86 34.11
CA ALA B 2 -1.61 -21.50 32.71
C ALA B 2 -1.16 -20.06 32.54
N ILE B 3 -1.48 -19.48 31.39
CA ILE B 3 -1.29 -18.05 31.13
C ILE B 3 -2.63 -17.38 31.39
N LEU B 4 -2.59 -16.09 31.75
CA LEU B 4 -3.69 -15.46 32.44
C LEU B 4 -4.22 -14.24 31.70
N ALA B 5 -5.47 -13.92 31.99
CA ALA B 5 -6.12 -12.68 31.57
C ALA B 5 -7.06 -12.26 32.70
N ASP B 6 -7.26 -10.95 32.80
CA ASP B 6 -8.02 -10.38 33.90
C ASP B 6 -9.50 -10.72 33.79
N ARG B 7 -10.12 -10.96 34.95
CA ARG B 7 -11.57 -11.15 35.05
C ARG B 7 -12.35 -9.95 34.53
N SER B 8 -11.77 -8.74 34.59
CA SER B 8 -12.49 -7.57 34.14
C SER B 8 -11.92 -7.02 32.82
N THR B 9 -10.62 -6.79 32.77
CA THR B 9 -10.04 -6.08 31.64
C THR B 9 -9.35 -6.98 30.64
N SER B 10 -9.23 -8.28 30.93
CA SER B 10 -8.53 -9.29 30.12
C SER B 10 -7.10 -8.87 29.77
N ALA B 11 -6.39 -8.31 30.74
CA ALA B 11 -5.02 -7.89 30.52
C ALA B 11 -4.10 -9.11 30.50
N LEU B 12 -3.17 -9.12 29.55
CA LEU B 12 -2.40 -10.31 29.24
C LEU B 12 -1.09 -10.30 30.00
N TYR B 13 -0.82 -11.41 30.67
CA TYR B 13 0.29 -11.52 31.61
C TYR B 13 0.70 -12.96 31.77
N VAL B 14 1.96 -13.18 32.10
CA VAL B 14 2.41 -14.48 32.60
C VAL B 14 3.60 -14.26 33.51
N ARG B 15 3.75 -15.10 34.53
CA ARG B 15 4.99 -15.12 35.28
C ARG B 15 5.99 -16.01 34.56
N VAL B 16 7.20 -15.51 34.42
CA VAL B 16 8.35 -16.34 34.14
C VAL B 16 9.41 -15.97 35.17
N GLY B 17 10.34 -16.88 35.43
CA GLY B 17 11.34 -16.61 36.45
C GLY B 17 10.72 -16.67 37.83
N GLU B 18 10.50 -15.50 38.41
CA GLU B 18 9.66 -15.34 39.59
C GLU B 18 8.77 -14.12 39.46
N GLN B 19 8.51 -13.66 38.24
CA GLN B 19 7.97 -12.33 38.04
C GLN B 19 6.92 -12.35 36.94
N LEU B 20 5.90 -11.50 37.09
CA LEU B 20 4.92 -11.33 36.03
C LEU B 20 5.47 -10.45 34.92
N HIS B 21 4.83 -10.54 33.76
CA HIS B 21 5.24 -9.83 32.58
C HIS B 21 3.99 -9.61 31.73
N PRO B 22 3.72 -8.37 31.34
CA PRO B 22 2.64 -8.10 30.38
C PRO B 22 3.09 -8.33 28.96
N VAL B 23 2.14 -8.75 28.12
CA VAL B 23 2.34 -8.93 26.70
C VAL B 23 1.17 -8.30 25.97
N LEU B 24 1.20 -8.41 24.63
CA LEU B 24 0.25 -7.67 23.81
C LEU B 24 -0.96 -8.51 23.42
N ASN B 25 -0.74 -9.61 22.70
CA ASN B 25 -1.84 -10.40 22.18
C ASN B 25 -1.55 -11.89 22.37
N LEU B 26 -2.63 -12.68 22.32
CA LEU B 26 -2.59 -14.05 22.82
C LEU B 26 -1.77 -14.97 21.93
N THR B 27 -1.62 -14.64 20.66
CA THR B 27 -0.74 -15.41 19.79
C THR B 27 0.71 -15.26 20.21
N SER B 28 1.10 -14.04 20.51
CA SER B 28 2.43 -13.79 21.07
C SER B 28 2.57 -14.43 22.45
N ALA B 29 1.47 -14.52 23.18
CA ALA B 29 1.50 -15.15 24.49
C ALA B 29 1.79 -16.64 24.38
N ARG B 30 1.06 -17.33 23.50
CA ARG B 30 1.33 -18.73 23.22
C ARG B 30 2.73 -18.94 22.68
N LEU B 31 3.20 -17.99 21.86
CA LEU B 31 4.57 -17.98 21.37
C LEU B 31 5.57 -17.91 22.53
N ILE B 32 5.28 -17.09 23.53
CA ILE B 32 6.19 -16.95 24.67
C ILE B 32 6.22 -18.23 25.48
N SER B 33 5.05 -18.74 25.84
CA SER B 33 5.00 -19.95 26.65
C SER B 33 5.46 -21.18 25.89
N GLY B 34 5.37 -21.16 24.57
CA GLY B 34 5.59 -22.38 23.81
C GLY B 34 4.54 -23.44 24.05
N SER B 35 3.28 -23.03 24.14
CA SER B 35 2.18 -23.96 24.37
C SER B 35 0.90 -23.39 23.81
N PRO B 36 0.08 -24.18 23.16
CA PRO B 36 -1.22 -23.69 22.68
C PRO B 36 -2.23 -23.67 23.81
N ASP B 37 -2.17 -22.64 24.63
CA ASP B 37 -3.08 -22.52 25.77
C ASP B 37 -3.78 -21.18 25.70
N ASN B 38 -4.81 -21.04 26.52
CA ASN B 38 -5.63 -19.84 26.51
C ASN B 38 -5.44 -19.08 27.82
N PRO B 39 -5.44 -17.75 27.80
CA PRO B 39 -5.30 -16.98 29.04
C PRO B 39 -6.61 -17.03 29.84
N THR B 40 -6.55 -17.70 30.99
CA THR B 40 -7.75 -17.93 31.78
C THR B 40 -8.08 -16.70 32.62
N MET B 41 -9.36 -16.50 32.90
CA MET B 41 -9.86 -15.25 33.46
C MET B 41 -9.80 -15.32 34.98
N VAL B 42 -8.74 -14.73 35.54
CA VAL B 42 -8.59 -14.58 36.99
C VAL B 42 -8.36 -13.10 37.26
N LYS B 43 -9.01 -12.61 38.32
CA LYS B 43 -9.02 -11.19 38.67
C LYS B 43 -7.63 -10.72 39.11
N THR B 44 -7.34 -9.43 38.89
CA THR B 44 -6.06 -8.85 39.25
C THR B 44 -5.81 -8.80 40.75
N SER B 45 -6.82 -9.10 41.58
CA SER B 45 -6.66 -9.26 43.02
C SER B 45 -5.80 -10.46 43.39
N GLU B 46 -5.53 -11.36 42.44
CA GLU B 46 -4.38 -12.24 42.50
C GLU B 46 -3.10 -11.55 42.09
N ILE B 47 -3.09 -10.95 40.88
CA ILE B 47 -1.94 -10.37 40.21
C ILE B 47 -1.11 -9.45 41.08
N ASP B 48 -1.78 -8.56 41.81
CA ASP B 48 -1.14 -7.59 42.69
C ASP B 48 -0.31 -8.27 43.77
N LYS B 49 -0.70 -9.47 44.21
CA LYS B 49 0.10 -10.25 45.13
C LYS B 49 1.43 -10.71 44.54
N PHE B 50 1.59 -10.63 43.22
CA PHE B 50 2.79 -11.16 42.58
C PHE B 50 3.57 -10.04 41.92
N PRO B 51 4.90 -10.05 42.03
CA PRO B 51 5.69 -8.95 41.47
C PRO B 51 5.76 -9.02 39.96
N ARG B 52 5.72 -7.84 39.34
CA ARG B 52 5.45 -7.71 37.91
C ARG B 52 6.56 -6.94 37.20
N GLY B 53 6.93 -7.41 36.02
CA GLY B 53 7.94 -6.78 35.19
C GLY B 53 7.37 -5.76 34.22
N ASN B 54 8.11 -5.52 33.14
CA ASN B 54 7.78 -4.45 32.21
C ASN B 54 7.16 -5.01 30.93
N LEU B 55 6.69 -4.09 30.08
CA LEU B 55 5.89 -4.39 28.89
C LEU B 55 6.69 -5.18 27.85
N LEU B 56 6.10 -6.29 27.39
CA LEU B 56 6.68 -7.09 26.30
C LEU B 56 5.65 -7.29 25.19
N GLY B 57 6.05 -7.98 24.12
CA GLY B 57 5.10 -8.39 23.09
C GLY B 57 5.49 -8.01 21.67
N ILE B 58 5.46 -8.96 20.75
CA ILE B 58 5.62 -8.61 19.34
C ILE B 58 4.35 -7.88 18.89
N PRO B 59 4.47 -6.70 18.31
CA PRO B 59 3.29 -5.89 18.04
C PRO B 59 2.55 -6.33 16.80
N GLY B 60 1.52 -5.56 16.48
CA GLY B 60 0.77 -5.75 15.26
C GLY B 60 -0.40 -6.70 15.37
N ALA B 61 -0.12 -7.98 15.36
CA ALA B 61 -1.11 -9.00 15.01
C ALA B 61 -0.50 -10.36 15.35
N PRO B 62 -1.27 -11.48 15.21
CA PRO B 62 -2.66 -11.91 14.97
C PRO B 62 -3.36 -12.44 16.20
N GLU B 63 -4.53 -13.06 16.01
CA GLU B 63 -5.36 -13.44 17.14
C GLU B 63 -5.84 -14.90 17.13
N ARG B 64 -6.12 -15.51 15.99
CA ARG B 64 -6.66 -16.87 16.04
C ARG B 64 -5.98 -17.76 15.00
N MET B 65 -5.49 -18.90 15.47
CA MET B 65 -4.86 -19.91 14.63
C MET B 65 -5.85 -21.02 14.32
N VAL B 66 -6.92 -20.69 13.63
CA VAL B 66 -7.80 -21.73 13.11
C VAL B 66 -7.21 -22.21 11.77
N GLN B 67 -7.74 -23.33 11.26
CA GLN B 67 -7.35 -23.85 9.95
C GLN B 67 -8.40 -24.83 9.44
N ASN B 68 -8.57 -24.88 8.12
CA ASN B 68 -9.54 -25.77 7.48
C ASN B 68 -8.89 -27.08 7.05
N ALA B 69 -9.61 -28.18 7.27
CA ALA B 69 -9.04 -29.51 7.09
C ALA B 69 -8.85 -29.91 5.63
N ALA B 70 -9.19 -29.03 4.68
CA ALA B 70 -9.02 -29.36 3.27
C ALA B 70 -7.54 -29.38 2.90
N THR B 71 -7.04 -30.57 2.61
CA THR B 71 -5.65 -30.75 2.25
C THR B 71 -5.36 -30.52 0.79
N ASP B 72 -6.37 -30.22 -0.02
CA ASP B 72 -6.14 -30.03 -1.44
C ASP B 72 -5.88 -28.55 -1.72
N ALA B 73 -4.85 -28.30 -2.52
CA ALA B 73 -4.36 -26.95 -2.77
C ALA B 73 -5.09 -26.38 -3.98
N GLU B 74 -6.23 -25.74 -3.72
CA GLU B 74 -6.94 -24.94 -4.72
C GLU B 74 -6.47 -23.50 -4.53
N TRP B 75 -6.18 -22.82 -5.64
CA TRP B 75 -5.67 -21.47 -5.57
C TRP B 75 -6.20 -20.69 -6.75
N THR B 76 -7.04 -19.71 -6.46
CA THR B 76 -7.62 -18.93 -7.53
C THR B 76 -7.09 -17.51 -7.41
N VAL B 77 -6.09 -17.19 -8.21
CA VAL B 77 -5.71 -15.79 -8.36
C VAL B 77 -6.46 -15.31 -9.58
N CYS B 78 -6.83 -14.05 -9.60
CA CYS B 78 -7.85 -13.67 -10.55
C CYS B 78 -7.71 -12.20 -10.87
N ASP B 79 -8.37 -11.76 -11.94
CA ASP B 79 -8.39 -10.35 -12.26
C ASP B 79 -9.70 -10.01 -12.92
N ALA B 80 -10.32 -8.95 -12.40
CA ALA B 80 -11.61 -8.50 -12.87
C ALA B 80 -11.46 -7.09 -13.41
N VAL B 81 -11.63 -6.97 -14.71
CA VAL B 81 -11.72 -5.68 -15.36
C VAL B 81 -13.19 -5.32 -15.46
N GLY B 82 -13.46 -4.04 -15.69
CA GLY B 82 -14.83 -3.61 -15.85
C GLY B 82 -14.92 -2.28 -16.58
N GLY B 83 -15.98 -2.08 -17.35
CA GLY B 83 -16.04 -0.93 -18.24
C GLY B 83 -15.06 -1.12 -19.38
N ALA B 84 -15.40 -2.01 -20.31
CA ALA B 84 -14.45 -2.43 -21.34
C ALA B 84 -14.44 -1.44 -22.51
N ASN B 85 -13.24 -1.16 -23.02
CA ASN B 85 -12.83 -0.28 -24.10
C ASN B 85 -13.14 1.21 -23.89
N PRO B 86 -12.92 1.77 -22.69
CA PRO B 86 -12.09 2.97 -22.59
C PRO B 86 -10.62 2.58 -22.47
N GLY B 87 -9.74 3.56 -22.18
CA GLY B 87 -8.33 3.26 -22.05
C GLY B 87 -8.01 2.40 -20.84
N VAL B 88 -8.53 2.77 -19.67
CA VAL B 88 -8.25 2.06 -18.41
C VAL B 88 -9.58 1.60 -17.83
N THR B 89 -9.61 0.37 -17.32
CA THR B 89 -10.78 -0.30 -16.77
C THR B 89 -10.82 -0.15 -15.25
N VAL B 90 -12.00 -0.39 -14.67
CA VAL B 90 -12.16 -0.47 -13.22
C VAL B 90 -11.78 -1.88 -12.80
N ILE B 91 -11.30 -2.03 -11.56
CA ILE B 91 -10.41 -3.13 -11.24
C ILE B 91 -10.81 -3.80 -9.95
N ALA B 92 -10.75 -5.12 -9.97
CA ALA B 92 -10.37 -5.92 -8.81
C ALA B 92 -9.21 -6.81 -9.22
N GLY B 93 -8.27 -7.03 -8.32
CA GLY B 93 -7.51 -8.25 -8.38
C GLY B 93 -7.98 -9.18 -7.28
N PRO B 94 -8.86 -10.11 -7.59
CA PRO B 94 -9.39 -10.94 -6.50
C PRO B 94 -8.61 -12.21 -6.27
N LEU B 95 -8.92 -12.90 -5.18
CA LEU B 95 -8.12 -14.04 -4.72
C LEU B 95 -9.01 -14.89 -3.81
N GLY B 96 -9.10 -16.17 -4.11
CA GLY B 96 -9.73 -17.14 -3.23
C GLY B 96 -8.94 -18.43 -3.28
N ALA B 97 -9.18 -19.31 -2.30
CA ALA B 97 -8.49 -20.59 -2.28
C ALA B 97 -9.42 -21.66 -1.71
N ASP B 98 -10.22 -22.26 -2.59
CA ASP B 98 -11.18 -23.33 -2.32
C ASP B 98 -11.80 -23.73 -3.64
N GLY B 99 -12.71 -24.69 -3.59
CA GLY B 99 -13.66 -24.88 -4.66
C GLY B 99 -14.49 -23.62 -4.92
N GLU B 100 -14.98 -23.50 -6.14
CA GLU B 100 -15.54 -22.24 -6.60
C GLU B 100 -16.57 -22.52 -7.68
N ARG B 101 -17.35 -21.50 -8.00
CA ARG B 101 -18.35 -21.58 -9.06
C ARG B 101 -17.63 -21.60 -10.40
N ALA B 102 -18.29 -22.12 -11.44
CA ALA B 102 -17.64 -22.43 -12.70
C ALA B 102 -17.64 -21.23 -13.64
N ALA B 103 -16.48 -20.95 -14.22
CA ALA B 103 -16.28 -20.08 -15.37
C ALA B 103 -14.97 -20.45 -16.06
N PRO B 104 -14.80 -21.68 -16.55
CA PRO B 104 -13.48 -22.13 -16.97
C PRO B 104 -13.14 -21.71 -18.38
N LEU B 105 -12.05 -22.20 -18.88
CA LEU B 105 -11.70 -21.91 -20.26
C LEU B 105 -12.26 -22.97 -21.17
N PRO B 106 -12.99 -22.60 -22.22
CA PRO B 106 -13.25 -23.52 -23.31
C PRO B 106 -12.04 -23.60 -24.22
N PRO B 107 -11.72 -24.78 -24.76
CA PRO B 107 -10.38 -24.98 -25.34
C PRO B 107 -10.11 -24.18 -26.59
N ASP B 108 -11.17 -23.75 -27.29
CA ASP B 108 -11.01 -22.80 -28.37
C ASP B 108 -10.67 -21.39 -27.89
N HIS B 109 -11.03 -21.06 -26.67
CA HIS B 109 -10.88 -19.70 -26.20
C HIS B 109 -9.45 -19.46 -25.75
N ALA B 110 -8.92 -18.28 -26.10
CA ALA B 110 -7.64 -17.78 -25.60
C ALA B 110 -7.65 -16.27 -25.81
N VAL B 111 -6.78 -15.54 -25.11
CA VAL B 111 -6.97 -14.09 -25.09
C VAL B 111 -5.65 -13.34 -25.15
N LEU B 112 -5.63 -12.28 -25.95
CA LEU B 112 -4.49 -11.38 -26.07
C LEU B 112 -4.44 -10.49 -24.84
N VAL B 113 -3.24 -9.98 -24.53
CA VAL B 113 -3.09 -9.06 -23.42
C VAL B 113 -1.91 -8.13 -23.71
N HIS B 114 -2.06 -6.87 -23.33
CA HIS B 114 -0.91 -5.99 -23.28
C HIS B 114 -0.14 -6.27 -22.02
N SER B 115 1.18 -6.15 -22.08
CA SER B 115 1.98 -6.29 -20.87
C SER B 115 1.71 -5.13 -19.93
N ASP B 116 1.91 -5.36 -18.64
CA ASP B 116 1.84 -4.28 -17.67
C ASP B 116 2.92 -3.28 -17.97
N ALA B 117 2.49 -2.02 -18.17
CA ALA B 117 3.10 -0.98 -19.00
C ALA B 117 4.62 -0.93 -19.02
N GLU B 118 5.17 -0.85 -20.24
CA GLU B 118 6.59 -0.85 -20.60
C GLU B 118 7.39 0.17 -19.79
N PRO B 119 8.69 -0.07 -19.51
CA PRO B 119 9.62 -1.12 -19.96
C PRO B 119 9.57 -2.49 -19.27
N ASN B 120 8.44 -2.89 -18.71
CA ASN B 120 8.25 -4.32 -18.48
C ASN B 120 7.91 -4.89 -19.86
N PRO B 121 8.84 -5.63 -20.47
CA PRO B 121 8.83 -5.75 -21.93
C PRO B 121 7.75 -6.70 -22.49
N GLY B 122 7.10 -6.24 -23.55
CA GLY B 122 6.43 -7.14 -24.48
C GLY B 122 4.94 -6.88 -24.65
N ASP B 123 4.31 -7.80 -25.36
CA ASP B 123 2.87 -7.98 -25.47
C ASP B 123 2.61 -9.47 -25.54
N TRP B 124 1.60 -9.95 -24.81
CA TRP B 124 1.57 -11.38 -24.52
C TRP B 124 0.24 -11.97 -24.94
N LEU B 125 0.21 -13.29 -24.98
CA LEU B 125 -0.99 -14.05 -25.31
C LEU B 125 -1.19 -15.10 -24.24
N LEU B 126 -2.37 -15.05 -23.60
CA LEU B 126 -2.79 -16.07 -22.67
C LEU B 126 -3.32 -17.25 -23.48
N TRP B 127 -2.67 -18.40 -23.30
CA TRP B 127 -2.84 -19.58 -24.13
C TRP B 127 -3.88 -20.51 -23.55
N ASP B 128 -3.86 -21.74 -24.07
CA ASP B 128 -4.53 -22.85 -23.41
C ASP B 128 -3.92 -23.09 -22.02
N GLY B 129 -2.61 -23.27 -21.96
CA GLY B 129 -1.98 -23.49 -20.68
C GLY B 129 -1.26 -22.26 -20.17
N LYS B 130 -0.48 -21.61 -21.03
CA LYS B 130 0.62 -20.77 -20.58
C LYS B 130 0.39 -19.35 -21.05
N ARG B 131 1.42 -18.52 -20.92
CA ARG B 131 1.49 -17.22 -21.57
C ARG B 131 2.70 -17.23 -22.49
N SER B 132 2.56 -16.57 -23.65
CA SER B 132 3.72 -16.52 -24.54
C SER B 132 3.72 -15.18 -25.24
N PRO B 133 4.88 -14.55 -25.42
CA PRO B 133 4.90 -13.22 -26.01
C PRO B 133 4.69 -13.28 -27.51
N ILE B 134 3.95 -12.31 -28.01
CA ILE B 134 3.64 -12.17 -29.42
C ILE B 134 3.70 -10.69 -29.79
N ASP B 135 4.49 -10.38 -30.81
CA ASP B 135 4.40 -9.06 -31.43
C ASP B 135 3.22 -9.09 -32.39
N LEU B 136 2.19 -8.33 -32.05
CA LEU B 136 0.96 -8.31 -32.82
C LEU B 136 1.02 -7.37 -34.01
N ALA B 137 2.21 -6.89 -34.36
CA ALA B 137 2.38 -6.03 -35.52
C ALA B 137 2.12 -6.81 -36.82
N ASP B 138 2.66 -8.03 -36.92
CA ASP B 138 2.38 -8.88 -38.08
C ASP B 138 0.95 -9.40 -37.93
N ARG B 139 0.04 -8.78 -38.66
CA ARG B 139 -1.37 -9.16 -38.60
C ARG B 139 -1.61 -10.49 -39.30
N ALA B 140 -0.87 -10.76 -40.37
CA ALA B 140 -1.10 -11.95 -41.17
C ALA B 140 -0.70 -13.21 -40.41
N VAL B 141 0.33 -13.11 -39.57
CA VAL B 141 0.76 -14.25 -38.76
C VAL B 141 -0.31 -14.59 -37.72
N THR B 142 -0.80 -13.60 -36.99
CA THR B 142 -1.66 -13.93 -35.88
C THR B 142 -3.10 -14.14 -36.30
N ASP B 143 -3.54 -13.54 -37.40
CA ASP B 143 -4.82 -13.96 -37.94
C ASP B 143 -4.69 -15.26 -38.69
N ALA B 144 -3.50 -15.53 -39.22
CA ALA B 144 -3.16 -16.88 -39.63
C ALA B 144 -3.07 -17.82 -38.46
N LEU B 145 -2.74 -17.32 -37.26
CA LEU B 145 -2.94 -18.11 -36.05
C LEU B 145 -4.42 -18.28 -35.74
N GLY B 146 -5.28 -17.44 -36.28
CA GLY B 146 -6.69 -17.72 -36.19
C GLY B 146 -7.48 -16.67 -35.47
N LEU B 147 -7.05 -15.42 -35.57
CA LEU B 147 -7.87 -14.38 -34.95
C LEU B 147 -9.02 -14.02 -35.87
N GLY B 148 -10.03 -13.39 -35.27
CA GLY B 148 -11.05 -12.74 -36.09
C GLY B 148 -10.49 -11.50 -36.76
N GLY B 149 -11.14 -11.10 -37.85
CA GLY B 149 -10.65 -9.97 -38.61
C GLY B 149 -10.76 -8.66 -37.85
N GLN B 150 -9.62 -8.20 -37.34
CA GLN B 150 -9.44 -7.04 -36.47
C GLN B 150 -10.45 -7.08 -35.31
N ALA B 151 -10.35 -8.10 -34.48
CA ALA B 151 -11.05 -8.11 -33.20
C ALA B 151 -10.11 -7.76 -32.06
N LEU B 152 -9.09 -6.94 -32.34
CA LEU B 152 -7.96 -6.79 -31.46
C LEU B 152 -8.08 -5.52 -30.63
N ALA B 153 -8.12 -5.72 -29.32
CA ALA B 153 -8.00 -4.66 -28.36
C ALA B 153 -7.43 -5.37 -27.15
N PRO B 154 -6.18 -5.15 -26.82
CA PRO B 154 -5.60 -5.85 -25.67
C PRO B 154 -6.07 -5.24 -24.37
N ARG B 155 -5.75 -5.90 -23.27
CA ARG B 155 -6.19 -5.39 -21.98
C ARG B 155 -4.96 -5.17 -21.13
N PRO B 156 -5.00 -4.22 -20.22
CA PRO B 156 -3.94 -4.13 -19.22
C PRO B 156 -4.08 -5.26 -18.24
N ILE B 157 -3.00 -5.59 -17.53
CA ILE B 157 -2.98 -6.76 -16.69
C ILE B 157 -2.46 -6.34 -15.31
N ALA B 158 -2.86 -7.08 -14.29
CA ALA B 158 -2.20 -7.02 -13.00
C ALA B 158 -0.90 -7.79 -13.10
N ALA B 159 0.15 -7.24 -12.50
CA ALA B 159 1.47 -7.87 -12.57
C ALA B 159 1.49 -9.21 -11.85
N GLY B 160 0.67 -9.37 -10.82
CA GLY B 160 0.60 -10.65 -10.11
C GLY B 160 -0.02 -11.73 -10.97
N LEU B 161 -1.07 -11.40 -11.71
CA LEU B 161 -1.62 -12.34 -12.67
C LEU B 161 -0.61 -12.67 -13.76
N PHE B 162 0.15 -11.67 -14.19
CA PHE B 162 1.11 -11.89 -15.26
C PHE B 162 2.25 -12.77 -14.79
N ASN B 163 2.59 -12.69 -13.51
CA ASN B 163 3.61 -13.59 -13.00
C ASN B 163 3.03 -14.87 -12.46
N ALA B 164 1.71 -15.00 -12.46
CA ALA B 164 1.10 -16.21 -11.93
C ALA B 164 1.29 -17.40 -12.87
N VAL B 165 1.16 -17.16 -14.16
CA VAL B 165 1.24 -18.25 -15.13
C VAL B 165 2.66 -18.37 -15.65
N PRO B 166 3.21 -19.58 -15.77
CA PRO B 166 4.53 -19.75 -16.38
C PRO B 166 4.49 -19.43 -17.87
N ALA B 167 5.64 -18.99 -18.36
CA ALA B 167 5.74 -18.42 -19.70
C ALA B 167 6.24 -19.48 -20.68
N ALA B 168 5.81 -19.37 -21.93
CA ALA B 168 6.18 -20.27 -23.00
C ALA B 168 7.14 -19.56 -23.96
N PRO B 169 7.87 -20.30 -24.80
CA PRO B 169 8.64 -19.68 -25.87
C PRO B 169 7.75 -18.94 -26.86
N ALA B 170 8.37 -18.01 -27.58
CA ALA B 170 7.64 -16.97 -28.28
C ALA B 170 6.96 -17.49 -29.55
N LEU B 171 6.18 -16.60 -30.18
CA LEU B 171 5.36 -16.95 -31.33
C LEU B 171 5.94 -16.37 -32.61
N THR B 172 6.90 -17.08 -33.17
CA THR B 172 7.29 -16.95 -34.56
C THR B 172 7.45 -18.36 -35.12
N ALA B 173 7.81 -18.44 -36.38
CA ALA B 173 8.29 -19.71 -36.89
C ALA B 173 9.67 -19.96 -36.31
N PRO B 174 10.03 -21.19 -35.98
CA PRO B 174 11.39 -21.43 -35.50
C PRO B 174 12.39 -21.29 -36.63
N VAL B 175 13.57 -20.81 -36.26
CA VAL B 175 14.64 -20.63 -37.23
C VAL B 175 15.16 -22.00 -37.61
N ILE B 176 15.24 -22.25 -38.91
CA ILE B 176 15.57 -23.60 -39.37
C ILE B 176 16.92 -23.57 -40.07
N PRO B 177 17.85 -24.45 -39.72
CA PRO B 177 19.15 -24.47 -40.40
C PRO B 177 19.02 -24.95 -41.84
N ASP B 178 19.20 -24.01 -42.78
CA ASP B 178 19.10 -24.23 -44.22
C ASP B 178 17.76 -24.83 -44.63
N ALA B 179 16.69 -24.12 -44.28
CA ALA B 179 15.38 -24.48 -44.78
C ALA B 179 15.29 -24.23 -46.28
N GLY B 180 14.41 -24.97 -46.96
CA GLY B 180 14.37 -24.93 -48.40
C GLY B 180 15.35 -25.84 -49.11
N ALA B 181 16.40 -26.26 -48.43
CA ALA B 181 17.44 -27.12 -49.00
C ALA B 181 16.97 -28.56 -49.03
N ALA B 182 17.91 -29.46 -49.22
CA ALA B 182 17.58 -30.87 -49.29
C ALA B 182 17.69 -31.55 -47.92
N PRO B 183 16.71 -32.36 -47.53
CA PRO B 183 16.81 -33.12 -46.28
C PRO B 183 17.72 -34.31 -46.48
N GLN B 184 18.02 -35.02 -45.39
CA GLN B 184 18.79 -36.24 -45.52
C GLN B 184 17.92 -37.48 -45.49
N PHE B 185 16.67 -37.37 -45.92
CA PHE B 185 15.84 -38.54 -46.17
C PHE B 185 15.14 -38.48 -47.53
N GLU B 186 15.24 -37.35 -48.23
CA GLU B 186 15.18 -37.27 -49.69
C GLU B 186 13.94 -37.83 -50.37
N LEU B 187 12.80 -37.16 -50.21
CA LEU B 187 11.55 -37.54 -50.86
C LEU B 187 11.61 -37.21 -52.35
N SER B 188 10.48 -37.40 -53.04
CA SER B 188 10.35 -37.11 -54.47
C SER B 188 10.50 -35.62 -54.75
N LEU B 189 10.41 -35.26 -56.03
CA LEU B 189 11.06 -34.05 -56.55
C LEU B 189 10.65 -32.69 -55.95
N PRO B 190 9.38 -32.32 -55.79
CA PRO B 190 9.08 -30.88 -55.64
C PRO B 190 9.36 -30.34 -54.24
N VAL B 191 9.76 -31.15 -53.28
CA VAL B 191 9.72 -30.71 -51.89
C VAL B 191 11.01 -30.00 -51.49
N PRO B 192 10.91 -28.82 -50.90
CA PRO B 192 12.01 -28.26 -50.13
C PRO B 192 11.86 -28.58 -48.65
N VAL B 193 13.00 -28.55 -47.94
CA VAL B 193 12.95 -28.85 -46.52
C VAL B 193 12.42 -27.62 -45.80
N GLY B 194 11.90 -27.82 -44.59
CA GLY B 194 11.28 -26.75 -43.84
C GLY B 194 9.95 -26.31 -44.39
N ALA B 195 9.40 -27.03 -45.35
CA ALA B 195 8.10 -26.74 -45.92
C ALA B 195 7.04 -27.63 -45.28
N VAL B 196 5.82 -27.54 -45.82
CA VAL B 196 4.69 -28.33 -45.38
C VAL B 196 4.34 -29.34 -46.47
N VAL B 197 3.99 -30.54 -46.05
CA VAL B 197 3.35 -31.48 -46.93
C VAL B 197 1.94 -31.69 -46.38
N VAL B 198 1.04 -31.99 -47.30
CA VAL B 198 -0.31 -32.39 -46.96
C VAL B 198 -0.43 -33.85 -47.37
N ALA B 199 -1.31 -34.59 -46.72
CA ALA B 199 -1.57 -35.96 -47.13
C ALA B 199 -3.00 -36.29 -46.75
N TYR B 200 -3.72 -36.94 -47.66
CA TYR B 200 -5.02 -37.52 -47.35
C TYR B 200 -4.85 -38.60 -46.29
N ASP B 201 -5.36 -38.35 -45.08
CA ASP B 201 -5.28 -39.35 -44.02
C ASP B 201 -6.63 -39.58 -43.37
N ALA B 202 -7.48 -38.56 -43.34
CA ALA B 202 -8.88 -38.83 -43.11
C ALA B 202 -9.43 -39.54 -44.33
N ASP B 203 -10.49 -40.33 -44.11
CA ASP B 203 -11.14 -40.99 -45.23
C ASP B 203 -11.80 -39.98 -46.16
N ASN B 204 -12.25 -38.86 -45.59
CA ASN B 204 -12.76 -37.75 -46.40
C ASN B 204 -11.60 -36.91 -46.94
N THR B 205 -10.67 -36.55 -46.07
CA THR B 205 -9.86 -35.37 -46.30
C THR B 205 -8.46 -35.61 -45.74
N ALA B 206 -7.73 -34.53 -45.52
CA ALA B 206 -6.29 -34.58 -45.34
C ALA B 206 -5.88 -34.14 -43.92
N ARG B 207 -4.64 -34.47 -43.56
CA ARG B 207 -3.97 -33.89 -42.42
C ARG B 207 -2.52 -33.59 -42.83
N TYR B 208 -1.83 -32.87 -41.96
CA TYR B 208 -0.79 -31.93 -42.36
C TYR B 208 0.52 -32.26 -41.65
N TYR B 209 1.61 -32.35 -42.41
CA TYR B 209 2.90 -32.70 -41.83
C TYR B 209 3.95 -31.71 -42.32
N ALA B 210 5.11 -31.73 -41.70
CA ALA B 210 6.21 -30.85 -42.09
C ALA B 210 7.48 -31.68 -42.30
N VAL B 211 8.49 -31.04 -42.89
CA VAL B 211 9.70 -31.73 -43.32
C VAL B 211 10.91 -31.12 -42.63
N LEU B 212 11.71 -31.97 -41.99
CA LEU B 212 13.02 -31.69 -41.46
C LEU B 212 14.01 -32.59 -42.20
N SER B 213 15.29 -32.54 -41.82
CA SER B 213 16.29 -33.34 -42.53
C SER B 213 16.14 -34.84 -42.26
N ASP B 214 15.46 -35.20 -41.17
CA ASP B 214 15.38 -36.61 -40.80
C ASP B 214 14.14 -37.28 -41.35
N GLY B 215 13.01 -36.59 -41.35
CA GLY B 215 11.76 -37.25 -41.66
C GLY B 215 10.59 -36.30 -41.55
N LEU B 216 9.49 -36.76 -40.97
CA LEU B 216 8.25 -36.00 -41.01
C LEU B 216 7.87 -35.50 -39.64
N GLN B 217 6.98 -34.51 -39.64
CA GLN B 217 6.58 -33.79 -38.43
C GLN B 217 5.06 -33.72 -38.40
N PRO B 218 4.41 -34.40 -37.48
CA PRO B 218 2.96 -34.25 -37.36
C PRO B 218 2.59 -32.88 -36.81
N ILE B 219 2.11 -32.00 -37.69
CA ILE B 219 1.91 -30.61 -37.32
C ILE B 219 0.44 -30.24 -37.42
N SER B 220 0.12 -29.09 -36.86
CA SER B 220 -1.21 -28.53 -36.92
C SER B 220 -1.42 -27.79 -38.24
N PRO B 221 -2.67 -27.45 -38.59
CA PRO B 221 -2.88 -26.46 -39.66
C PRO B 221 -2.28 -25.10 -39.35
N VAL B 222 -2.24 -24.74 -38.07
CA VAL B 222 -1.78 -23.41 -37.68
C VAL B 222 -0.30 -23.26 -37.96
N LEU B 223 0.48 -24.29 -37.62
CA LEU B 223 1.91 -24.32 -37.94
C LEU B 223 2.16 -24.26 -39.43
N ALA B 224 1.28 -24.89 -40.21
CA ALA B 224 1.40 -24.85 -41.66
C ALA B 224 1.20 -23.45 -42.19
N ALA B 225 0.18 -22.75 -41.69
CA ALA B 225 -0.04 -21.37 -42.09
C ALA B 225 1.11 -20.49 -41.61
N ILE B 226 1.68 -20.82 -40.46
CA ILE B 226 2.83 -20.09 -39.91
C ILE B 226 4.01 -20.20 -40.86
N LEU B 227 4.32 -21.42 -41.32
CA LEU B 227 5.49 -21.58 -42.16
C LEU B 227 5.27 -21.09 -43.57
N ARG B 228 4.05 -21.20 -44.09
CA ARG B 228 3.77 -20.66 -45.42
C ARG B 228 3.78 -19.14 -45.41
N ASN B 229 3.38 -18.54 -44.29
CA ASN B 229 3.62 -17.12 -44.09
C ASN B 229 5.11 -16.83 -43.96
N THR B 230 5.86 -17.76 -43.39
CA THR B 230 7.30 -17.57 -43.24
C THR B 230 8.01 -17.76 -44.58
N ASP B 231 7.71 -18.85 -45.28
CA ASP B 231 8.25 -19.06 -46.60
C ASP B 231 7.27 -19.90 -47.39
N SER B 232 6.82 -19.36 -48.52
CA SER B 232 6.08 -20.17 -49.47
C SER B 232 6.99 -21.09 -50.27
N HIS B 233 8.30 -20.86 -50.19
CA HIS B 233 9.33 -21.58 -50.94
C HIS B 233 9.09 -21.51 -52.44
N GLY B 234 8.51 -20.39 -52.89
CA GLY B 234 8.05 -20.26 -54.25
C GLY B 234 6.98 -21.25 -54.68
N PHE B 235 6.21 -21.78 -53.75
CA PHE B 235 5.27 -22.86 -54.06
C PHE B 235 3.88 -22.47 -53.53
N ALA B 236 2.86 -22.73 -54.35
CA ALA B 236 1.52 -22.35 -53.96
C ALA B 236 0.98 -23.26 -52.86
N GLN B 237 0.83 -24.54 -53.16
CA GLN B 237 0.16 -25.41 -52.25
C GLN B 237 1.00 -26.64 -51.99
N PRO B 238 0.92 -27.24 -50.81
CA PRO B 238 1.56 -28.53 -50.56
C PRO B 238 0.89 -29.64 -51.36
N PRO B 239 1.64 -30.63 -51.82
CA PRO B 239 1.05 -31.75 -52.54
C PRO B 239 0.71 -32.92 -51.64
N ARG B 240 -0.32 -33.66 -52.05
CA ARG B 240 -0.82 -34.79 -51.29
C ARG B 240 0.01 -36.03 -51.60
N LEU B 241 0.23 -36.86 -50.58
CA LEU B 241 1.06 -38.04 -50.73
C LEU B 241 0.32 -39.27 -50.21
N GLY B 242 0.84 -40.43 -50.60
CA GLY B 242 0.25 -41.71 -50.27
C GLY B 242 0.62 -42.17 -48.87
N PRO B 243 -0.33 -42.81 -48.18
CA PRO B 243 -0.07 -43.29 -46.82
C PRO B 243 0.90 -44.46 -46.82
N ASP B 244 0.86 -45.26 -47.89
CA ASP B 244 1.88 -46.29 -48.08
C ASP B 244 3.26 -45.67 -48.22
N GLU B 245 3.34 -44.51 -48.89
CA GLU B 245 4.59 -43.78 -48.92
C GLU B 245 4.92 -43.18 -47.56
N VAL B 246 3.90 -42.79 -46.80
CA VAL B 246 4.09 -42.24 -45.46
C VAL B 246 4.72 -43.28 -44.54
N ALA B 247 4.22 -44.51 -44.62
CA ALA B 247 4.90 -45.62 -43.94
C ALA B 247 6.26 -45.88 -44.57
N ARG B 248 6.37 -45.66 -45.88
CA ARG B 248 7.59 -45.99 -46.60
C ARG B 248 8.64 -44.91 -46.40
N THR B 249 8.22 -43.68 -46.13
CA THR B 249 9.22 -42.65 -45.90
C THR B 249 9.69 -42.73 -44.44
N PRO B 250 10.91 -42.26 -44.13
CA PRO B 250 11.34 -42.14 -42.73
C PRO B 250 10.39 -41.34 -41.85
N MET B 251 9.76 -42.03 -40.91
CA MET B 251 8.91 -41.42 -39.91
C MET B 251 9.76 -41.06 -38.70
N SER B 252 10.28 -39.84 -38.69
CA SER B 252 11.20 -39.42 -37.63
C SER B 252 11.05 -37.93 -37.45
N ARG B 253 10.78 -37.51 -36.22
CA ARG B 253 10.61 -36.08 -35.97
C ARG B 253 11.85 -35.49 -35.34
N GLY B 254 12.42 -34.49 -35.99
CA GLY B 254 13.27 -33.54 -35.29
C GLY B 254 12.33 -32.63 -34.52
N LEU B 255 12.32 -32.78 -33.19
CA LEU B 255 11.22 -32.27 -32.39
C LEU B 255 11.20 -30.74 -32.30
N ASP B 256 10.38 -30.12 -33.15
CA ASP B 256 10.08 -28.70 -33.06
C ASP B 256 8.70 -28.64 -32.43
N THR B 257 8.67 -28.45 -31.11
CA THR B 257 7.48 -28.69 -30.30
C THR B 257 6.40 -27.66 -30.60
N SER B 258 5.17 -28.14 -30.66
CA SER B 258 4.03 -27.27 -30.87
C SER B 258 3.44 -26.82 -29.55
N ALA B 259 3.94 -25.69 -29.04
CA ALA B 259 3.15 -24.87 -28.14
C ALA B 259 2.12 -24.07 -28.91
N TYR B 260 2.37 -23.88 -30.19
CA TYR B 260 1.39 -23.38 -31.13
C TYR B 260 0.19 -24.32 -31.17
N PRO B 261 -1.03 -23.80 -31.39
CA PRO B 261 -2.22 -24.60 -31.12
C PRO B 261 -2.51 -25.55 -32.27
N ASP B 262 -3.63 -26.25 -32.14
CA ASP B 262 -4.11 -27.09 -33.23
C ASP B 262 -5.22 -26.41 -34.01
N ASN B 263 -5.78 -25.37 -33.45
CA ASN B 263 -7.08 -24.89 -33.87
C ASN B 263 -7.08 -23.40 -34.12
N PRO B 264 -8.08 -22.88 -34.82
CA PRO B 264 -8.39 -21.46 -34.73
C PRO B 264 -8.89 -21.11 -33.33
N VAL B 265 -8.61 -19.88 -32.91
CA VAL B 265 -8.82 -19.46 -31.53
C VAL B 265 -10.05 -18.56 -31.44
N THR B 266 -10.98 -18.93 -30.55
CA THR B 266 -12.06 -18.04 -30.17
C THR B 266 -11.50 -16.92 -29.31
N LEU B 267 -11.77 -15.69 -29.70
CA LEU B 267 -11.27 -14.52 -28.99
C LEU B 267 -12.27 -14.13 -27.92
N VAL B 268 -11.77 -13.77 -26.78
CA VAL B 268 -12.61 -13.39 -25.66
C VAL B 268 -12.81 -11.88 -25.71
N GLU B 269 -13.99 -11.43 -25.34
CA GLU B 269 -14.33 -10.02 -25.34
C GLU B 269 -14.50 -9.56 -23.89
N ALA B 270 -13.80 -8.48 -23.53
CA ALA B 270 -13.80 -8.01 -22.16
C ALA B 270 -15.14 -7.40 -21.76
N SER B 271 -15.95 -6.96 -22.71
CA SER B 271 -17.32 -6.64 -22.38
C SER B 271 -18.12 -7.91 -22.12
N ALA B 272 -18.00 -8.90 -23.01
CA ALA B 272 -18.75 -10.13 -22.88
C ALA B 272 -18.22 -10.99 -21.74
N HIS B 273 -16.90 -11.05 -21.58
CA HIS B 273 -16.30 -11.79 -20.48
C HIS B 273 -15.14 -10.97 -19.94
N PRO B 274 -15.40 -10.13 -18.95
CA PRO B 274 -14.30 -9.38 -18.31
C PRO B 274 -13.31 -10.22 -17.55
N VAL B 275 -13.78 -11.04 -16.61
CA VAL B 275 -12.89 -11.54 -15.57
C VAL B 275 -12.09 -12.74 -16.10
N THR B 276 -10.77 -12.64 -16.01
CA THR B 276 -9.86 -13.70 -16.44
C THR B 276 -9.15 -14.17 -15.19
N CYS B 277 -8.86 -15.46 -15.10
CA CYS B 277 -8.58 -16.02 -13.80
C CYS B 277 -7.59 -17.18 -13.95
N ALA B 278 -6.68 -17.31 -13.01
CA ALA B 278 -5.71 -18.39 -13.02
C ALA B 278 -6.01 -19.33 -11.86
N HIS B 279 -6.22 -20.60 -12.18
CA HIS B 279 -6.56 -21.62 -11.22
C HIS B 279 -5.35 -22.53 -11.05
N TRP B 280 -4.49 -22.17 -10.11
CA TRP B 280 -3.37 -22.98 -9.72
C TRP B 280 -3.88 -24.08 -8.79
N THR B 281 -3.46 -25.31 -9.03
CA THR B 281 -3.94 -26.39 -8.19
C THR B 281 -2.86 -27.43 -8.00
N LYS B 282 -2.57 -27.75 -6.75
CA LYS B 282 -1.83 -28.96 -6.42
C LYS B 282 -2.70 -29.73 -5.44
N PRO B 283 -3.37 -30.79 -5.87
CA PRO B 283 -4.15 -31.58 -4.94
C PRO B 283 -3.26 -32.36 -4.01
N SER B 284 -3.87 -32.92 -2.96
CA SER B 284 -3.22 -33.92 -2.15
C SER B 284 -2.87 -35.14 -3.00
N ASP B 285 -1.77 -35.81 -2.62
CA ASP B 285 -1.21 -36.97 -3.32
C ASP B 285 -0.88 -36.64 -4.77
N ALA B 286 -0.29 -35.47 -4.99
CA ALA B 286 0.21 -35.08 -6.30
C ALA B 286 1.71 -34.88 -6.21
N ALA B 287 2.41 -35.25 -7.28
CA ALA B 287 3.86 -35.06 -7.31
C ALA B 287 4.23 -33.72 -7.90
N GLU B 288 3.53 -33.28 -8.94
CA GLU B 288 3.76 -31.98 -9.53
C GLU B 288 2.42 -31.32 -9.80
N SER B 289 2.38 -30.00 -9.62
CA SER B 289 1.14 -29.26 -9.62
C SER B 289 0.63 -29.00 -11.04
N SER B 290 -0.66 -28.72 -11.12
CA SER B 290 -1.34 -28.39 -12.36
C SER B 290 -1.81 -26.95 -12.34
N LEU B 291 -2.19 -26.46 -13.51
CA LEU B 291 -2.67 -25.11 -13.68
C LEU B 291 -3.72 -25.09 -14.78
N SER B 292 -4.81 -24.39 -14.52
CA SER B 292 -5.79 -24.12 -15.56
C SER B 292 -6.05 -22.62 -15.62
N VAL B 293 -6.71 -22.21 -16.68
CA VAL B 293 -7.19 -20.85 -16.82
C VAL B 293 -8.72 -20.89 -16.78
N LEU B 294 -9.30 -19.90 -16.11
CA LEU B 294 -10.74 -19.73 -16.05
C LEU B 294 -11.07 -18.37 -16.62
N SER B 295 -12.30 -18.23 -17.12
CA SER B 295 -12.66 -17.02 -17.83
C SER B 295 -14.18 -16.89 -17.86
N GLY B 296 -14.67 -15.71 -17.51
CA GLY B 296 -16.09 -15.49 -17.55
C GLY B 296 -16.46 -14.03 -17.43
N ALA B 297 -17.75 -13.82 -17.19
CA ALA B 297 -18.28 -12.53 -16.81
C ALA B 297 -18.79 -12.53 -15.38
N VAL B 298 -19.39 -13.62 -14.94
CA VAL B 298 -19.71 -13.80 -13.52
C VAL B 298 -18.39 -13.92 -12.76
N LEU B 299 -18.35 -13.33 -11.58
CA LEU B 299 -17.21 -13.56 -10.72
C LEU B 299 -17.22 -15.01 -10.28
N PRO B 300 -16.19 -15.78 -10.58
CA PRO B 300 -16.27 -17.23 -10.40
C PRO B 300 -15.97 -17.66 -8.98
N LEU B 301 -15.93 -16.71 -8.06
CA LEU B 301 -15.67 -17.00 -6.68
C LEU B 301 -16.87 -17.75 -6.08
N ALA B 302 -16.61 -18.45 -4.99
CA ALA B 302 -17.59 -19.37 -4.43
C ALA B 302 -18.79 -18.63 -3.84
N GLU B 303 -19.90 -19.35 -3.75
CA GLU B 303 -21.15 -18.75 -3.34
C GLU B 303 -21.17 -18.54 -1.84
N GLY B 304 -21.55 -17.33 -1.43
CA GLY B 304 -21.45 -16.89 -0.06
C GLY B 304 -20.17 -16.12 0.21
N LEU B 305 -19.15 -16.32 -0.62
CA LEU B 305 -17.91 -15.59 -0.43
C LEU B 305 -18.01 -14.16 -0.94
N HIS B 306 -19.02 -13.88 -1.78
CA HIS B 306 -19.18 -12.54 -2.33
C HIS B 306 -19.66 -11.55 -1.27
N THR B 307 -20.30 -12.04 -0.21
CA THR B 307 -20.61 -11.17 0.91
C THR B 307 -19.35 -10.78 1.67
N VAL B 308 -18.34 -11.63 1.63
CA VAL B 308 -17.13 -11.42 2.42
C VAL B 308 -15.94 -11.17 1.51
N ASP B 309 -16.18 -10.53 0.36
CA ASP B 309 -15.06 -10.05 -0.45
C ASP B 309 -14.37 -8.92 0.31
N LEU B 310 -13.31 -9.26 1.01
CA LEU B 310 -12.63 -8.33 1.90
C LEU B 310 -11.45 -7.73 1.18
N VAL B 311 -11.34 -6.41 1.28
CA VAL B 311 -10.30 -5.67 0.58
C VAL B 311 -9.11 -5.47 1.50
N GLY B 312 -7.93 -5.50 0.90
CA GLY B 312 -6.72 -5.15 1.63
C GLY B 312 -6.38 -3.69 1.45
N ALA B 313 -5.09 -3.39 1.33
CA ALA B 313 -4.61 -2.05 1.00
C ALA B 313 -3.16 -2.18 0.56
N GLY B 314 -2.53 -1.06 0.23
CA GLY B 314 -1.11 -1.07 -0.08
C GLY B 314 -0.73 -1.67 -1.41
N ALA B 315 -1.02 -0.96 -2.50
CA ALA B 315 -0.48 -1.30 -3.82
C ALA B 315 1.04 -1.29 -3.80
N GLY B 316 1.64 -2.05 -4.70
CA GLY B 316 2.99 -2.49 -4.49
C GLY B 316 2.94 -3.90 -3.96
N GLY B 317 2.26 -4.77 -4.70
CA GLY B 317 1.76 -6.02 -4.18
C GLY B 317 0.28 -6.12 -4.44
N ALA B 318 -0.53 -6.04 -3.40
CA ALA B 318 -1.98 -6.22 -3.51
C ALA B 318 -2.70 -4.89 -3.24
N ALA B 319 -3.51 -4.47 -4.20
CA ALA B 319 -4.55 -3.46 -4.01
C ALA B 319 -5.92 -4.10 -3.94
N ASN B 320 -6.04 -5.21 -3.22
CA ASN B 320 -6.83 -6.32 -3.69
C ASN B 320 -7.92 -6.74 -2.72
N ARG B 321 -9.07 -7.09 -3.29
CA ARG B 321 -10.11 -7.80 -2.56
C ARG B 321 -9.73 -9.28 -2.44
N VAL B 322 -9.96 -9.86 -1.26
CA VAL B 322 -9.85 -11.30 -1.07
C VAL B 322 -11.11 -11.80 -0.38
N ALA B 323 -11.26 -13.12 -0.30
CA ALA B 323 -12.44 -13.71 0.33
C ALA B 323 -12.11 -15.14 0.76
N LEU B 324 -12.21 -15.40 2.06
CA LEU B 324 -12.05 -16.73 2.62
C LEU B 324 -12.90 -16.85 3.88
N THR B 325 -12.81 -18.02 4.49
CA THR B 325 -13.18 -18.23 5.88
C THR B 325 -12.06 -17.70 6.77
N PRO B 326 -12.25 -17.66 8.10
CA PRO B 326 -11.13 -17.38 9.02
C PRO B 326 -9.84 -18.15 8.75
N GLY B 327 -8.71 -17.51 9.09
CA GLY B 327 -7.45 -17.70 8.40
C GLY B 327 -6.77 -19.05 8.62
N THR B 328 -5.57 -19.18 8.06
CA THR B 328 -4.96 -20.48 7.83
C THR B 328 -3.44 -20.36 7.84
N GLY B 329 -2.77 -21.48 7.58
CA GLY B 329 -1.32 -21.50 7.50
C GLY B 329 -0.81 -22.51 6.51
N TYR B 330 0.08 -22.10 5.61
CA TYR B 330 0.38 -22.87 4.42
C TYR B 330 1.87 -23.12 4.30
N PHE B 331 2.20 -24.22 3.64
CA PHE B 331 3.57 -24.69 3.46
C PHE B 331 4.14 -24.02 2.22
N VAL B 332 4.87 -22.93 2.42
CA VAL B 332 5.36 -22.16 1.30
C VAL B 332 6.65 -22.81 0.79
N GLN B 333 6.73 -22.95 -0.53
CA GLN B 333 8.01 -23.19 -1.18
C GLN B 333 8.64 -21.85 -1.53
N THR B 334 9.35 -21.26 -0.57
CA THR B 334 10.21 -20.12 -0.90
C THR B 334 11.44 -20.56 -1.69
N VAL B 335 11.70 -21.87 -1.75
CA VAL B 335 12.46 -22.45 -2.84
C VAL B 335 11.56 -22.47 -4.08
N GLY B 336 11.76 -21.52 -4.97
CA GLY B 336 10.91 -21.42 -6.15
C GLY B 336 11.44 -20.39 -7.13
N ALA B 337 10.56 -19.97 -8.04
CA ALA B 337 10.92 -19.06 -9.12
C ALA B 337 10.99 -17.64 -8.57
N GLU B 338 12.12 -17.34 -7.93
CA GLU B 338 12.43 -16.10 -7.19
C GLU B 338 11.32 -15.69 -6.24
N PRO B 339 11.12 -16.39 -5.12
CA PRO B 339 10.14 -15.89 -4.15
C PRO B 339 10.73 -14.83 -3.24
N GLY B 340 10.46 -13.57 -3.55
CA GLY B 340 11.02 -12.38 -2.95
C GLY B 340 12.50 -12.54 -2.69
N SER B 341 12.87 -12.26 -1.45
CA SER B 341 14.16 -12.71 -0.90
C SER B 341 14.19 -14.15 -0.35
N PRO B 342 13.18 -14.66 0.49
CA PRO B 342 13.44 -15.93 1.19
C PRO B 342 13.46 -17.15 0.28
N THR B 343 14.29 -18.14 0.64
CA THR B 343 14.50 -19.35 -0.15
C THR B 343 14.59 -20.56 0.76
N ALA B 344 13.45 -21.24 0.97
CA ALA B 344 13.40 -22.43 1.82
C ALA B 344 12.07 -23.13 1.60
N GLY B 345 12.00 -24.41 1.92
CA GLY B 345 10.69 -24.93 2.26
C GLY B 345 10.35 -24.39 3.62
N SER B 346 9.46 -23.40 3.70
CA SER B 346 9.11 -22.76 4.96
C SER B 346 7.62 -22.87 5.17
N MET B 347 7.12 -22.25 6.22
CA MET B 347 5.69 -22.12 6.44
C MET B 347 5.34 -20.65 6.59
N PHE B 348 4.35 -20.20 5.84
CA PHE B 348 3.82 -18.86 5.99
C PHE B 348 2.38 -18.96 6.48
N TRP B 349 2.09 -18.28 7.57
CA TRP B 349 0.72 -18.16 8.07
C TRP B 349 0.07 -16.96 7.40
N VAL B 350 -1.25 -17.02 7.25
CA VAL B 350 -2.00 -16.01 6.52
C VAL B 350 -3.36 -15.79 7.18
N SER B 351 -3.74 -14.53 7.30
CA SER B 351 -4.98 -14.18 7.98
C SER B 351 -6.15 -14.21 7.03
N ASP B 352 -7.34 -14.09 7.60
CA ASP B 352 -8.52 -13.79 6.80
C ASP B 352 -8.41 -12.40 6.19
N THR B 353 -7.71 -11.49 6.87
CA THR B 353 -7.34 -10.23 6.23
C THR B 353 -6.34 -10.49 5.12
N GLY B 354 -5.40 -11.40 5.34
CA GLY B 354 -4.44 -11.74 4.31
C GLY B 354 -3.10 -11.08 4.51
N VAL B 355 -2.60 -11.07 5.74
CA VAL B 355 -1.27 -10.57 6.04
C VAL B 355 -0.37 -11.76 6.31
N ARG B 356 0.83 -11.74 5.72
CA ARG B 356 1.70 -12.90 5.78
C ARG B 356 2.57 -12.87 7.04
N TYR B 357 2.91 -14.08 7.52
CA TYR B 357 3.82 -14.33 8.63
C TYR B 357 4.52 -15.63 8.28
N GLY B 358 5.51 -16.06 9.04
CA GLY B 358 6.19 -17.31 8.74
C GLY B 358 7.28 -17.79 9.67
N ILE B 359 7.92 -18.89 9.26
CA ILE B 359 8.65 -19.77 10.15
C ILE B 359 10.01 -20.12 9.52
N ASP B 360 11.07 -20.02 10.31
CA ASP B 360 12.43 -20.33 9.89
C ASP B 360 12.75 -21.79 10.19
N THR B 361 14.02 -22.18 10.02
CA THR B 361 14.46 -23.47 10.51
C THR B 361 14.86 -23.39 11.97
N ALA B 362 15.45 -22.25 12.37
CA ALA B 362 15.68 -21.96 13.78
C ALA B 362 14.37 -21.85 14.55
N GLU B 363 13.31 -21.37 13.91
CA GLU B 363 11.97 -21.54 14.44
C GLU B 363 11.55 -22.99 14.32
N ASP B 364 11.46 -23.68 15.46
CA ASP B 364 11.27 -25.11 15.48
C ASP B 364 9.80 -25.50 15.46
N ASP B 365 9.52 -26.77 15.78
CA ASP B 365 8.13 -27.24 15.84
C ASP B 365 7.39 -26.67 17.03
N LYS B 366 8.12 -26.12 18.00
CA LYS B 366 7.50 -25.43 19.13
C LYS B 366 6.67 -24.24 18.67
N VAL B 367 7.09 -23.58 17.60
CA VAL B 367 6.40 -22.42 17.07
C VAL B 367 5.02 -22.80 16.56
N VAL B 368 4.97 -23.69 15.57
CA VAL B 368 3.71 -24.17 15.03
C VAL B 368 2.92 -24.96 16.06
N ALA B 369 3.60 -25.59 17.02
CA ALA B 369 2.92 -26.35 18.06
C ALA B 369 2.17 -25.45 19.01
N ALA B 370 2.80 -24.34 19.44
CA ALA B 370 2.11 -23.36 20.24
C ALA B 370 1.05 -22.64 19.43
N LEU B 371 1.26 -22.52 18.12
CA LEU B 371 0.18 -22.08 17.25
C LEU B 371 -0.82 -23.21 17.01
N GLY B 372 -0.43 -24.45 17.28
CA GLY B 372 -1.36 -25.56 17.16
C GLY B 372 -1.77 -25.91 15.76
N LEU B 373 -0.98 -25.53 14.76
CA LEU B 373 -1.37 -25.84 13.40
C LEU B 373 -1.06 -27.30 13.06
N SER B 374 -1.56 -27.73 11.90
CA SER B 374 -1.30 -29.07 11.43
C SER B 374 0.17 -29.25 11.09
N THR B 375 0.64 -30.48 11.23
CA THR B 375 2.01 -30.81 10.84
C THR B 375 2.21 -30.71 9.34
N SER B 376 1.14 -30.83 8.55
CA SER B 376 1.24 -30.73 7.10
C SER B 376 0.46 -29.52 6.62
N PRO B 377 1.09 -28.36 6.45
CA PRO B 377 0.42 -27.22 5.82
C PRO B 377 0.45 -27.32 4.31
N LEU B 378 -0.11 -26.31 3.65
CA LEU B 378 -0.38 -26.60 2.25
C LEU B 378 0.64 -25.97 1.32
N PRO B 379 1.09 -26.77 0.35
CA PRO B 379 1.95 -26.23 -0.72
C PRO B 379 1.29 -25.09 -1.47
N VAL B 380 2.07 -24.04 -1.70
CA VAL B 380 1.58 -22.79 -2.28
C VAL B 380 2.69 -22.09 -3.05
N PRO B 381 2.46 -21.69 -4.28
CA PRO B 381 3.49 -20.97 -5.04
C PRO B 381 3.61 -19.53 -4.57
N TRP B 382 4.62 -18.85 -5.10
CA TRP B 382 4.92 -17.52 -4.62
C TRP B 382 4.04 -16.45 -5.25
N SER B 383 3.70 -16.60 -6.53
CA SER B 383 3.08 -15.50 -7.25
C SER B 383 1.66 -15.23 -6.75
N VAL B 384 1.03 -16.25 -6.19
CA VAL B 384 -0.21 -15.98 -5.49
C VAL B 384 0.11 -15.34 -4.14
N LEU B 385 1.24 -15.70 -3.54
CA LEU B 385 1.53 -15.25 -2.18
C LEU B 385 1.97 -13.79 -2.15
N SER B 386 2.40 -13.28 -3.31
CA SER B 386 2.80 -11.88 -3.41
C SER B 386 1.62 -10.93 -3.37
N GLN B 387 0.39 -11.43 -3.41
CA GLN B 387 -0.79 -10.60 -3.30
C GLN B 387 -1.31 -10.56 -1.88
N PHE B 388 -0.45 -10.63 -0.89
CA PHE B 388 -0.86 -10.53 0.50
C PHE B 388 -0.10 -9.40 1.18
N ALA B 389 -0.50 -9.10 2.41
CA ALA B 389 0.21 -8.08 3.18
C ALA B 389 1.35 -8.74 3.94
N ALA B 390 2.33 -7.94 4.33
CA ALA B 390 3.50 -8.45 5.06
C ALA B 390 3.51 -7.82 6.45
N GLY B 391 3.42 -8.66 7.47
CA GLY B 391 3.45 -8.20 8.84
C GLY B 391 4.83 -8.34 9.43
N PRO B 392 4.94 -8.26 10.74
CA PRO B 392 6.24 -8.46 11.39
C PRO B 392 6.69 -9.91 11.34
N ALA B 393 7.87 -10.14 11.91
CA ALA B 393 8.34 -11.51 12.00
C ALA B 393 7.67 -12.22 13.16
N LEU B 394 7.86 -13.53 13.21
CA LEU B 394 7.42 -14.34 14.34
C LEU B 394 8.62 -15.04 14.91
N SER B 395 8.88 -14.84 16.20
CA SER B 395 9.86 -15.60 16.96
C SER B 395 9.61 -15.32 18.43
N ARG B 396 10.10 -16.20 19.30
CA ARG B 396 10.13 -15.88 20.71
C ARG B 396 11.14 -14.79 21.03
N GLY B 397 12.11 -14.58 20.15
CA GLY B 397 13.05 -13.49 20.35
C GLY B 397 12.45 -12.13 20.10
N ASP B 398 11.64 -11.99 19.04
CA ASP B 398 11.17 -10.66 18.68
C ASP B 398 10.04 -10.17 19.58
N ALA B 399 9.44 -11.06 20.39
CA ALA B 399 8.43 -10.60 21.31
C ALA B 399 9.02 -9.85 22.51
N LEU B 400 10.31 -10.01 22.76
CA LEU B 400 10.97 -9.34 23.88
C LEU B 400 11.13 -7.87 23.54
N VAL B 401 10.07 -7.09 23.78
CA VAL B 401 10.08 -5.69 23.41
C VAL B 401 10.08 -4.88 24.71
N ALA B 402 10.29 -3.57 24.60
CA ALA B 402 10.20 -2.69 25.77
C ALA B 402 8.85 -1.99 25.81
#